data_6B97
#
_entry.id   6B97
#
_cell.length_a   72.270
_cell.length_b   96.070
_cell.length_c   102.060
_cell.angle_alpha   90.00
_cell.angle_beta   90.00
_cell.angle_gamma   90.00
#
_symmetry.space_group_name_H-M   'P 21 21 21'
#
loop_
_entity.id
_entity.type
_entity.pdbx_description
1 polymer "cGMP-dependent 3',5'-cyclic phosphodiesterase"
2 non-polymer 'ZINC ION'
3 non-polymer 'MAGNESIUM ION'
4 non-polymer 6-chloro-1-methyl-N-{(1R)-1-[4-(trifluoromethyl)phenyl]ethyl}-1H-pyrazolo[3,4-d]pyrimidin-4-amine
5 non-polymer 1,2-ETHANEDIOL
6 water water
#
_entity_poly.entity_id   1
_entity_poly.type   'polypeptide(L)'
_entity_poly.pdbx_seq_one_letter_code
;MHHHHHHENLYFQGELSTSLYKKAGFDDDDKSDDEYTKLLHDGIQPVAAIDSNFASFTYTPRSLPEDDTSMAILSMLQDM
NFINNYKIDCPTLARFCLMVKKGYRDPPYHNWMHAFSVSHFCYLLYKNLELTNYLEDIEIFALFISCMCHDLDHRGTNNS
FQVASKSVLAALYSSEGSVMERHHFAQAIAILNTHGCNIFDHFSRKDYQRMLDLMRDIILATDLAHHLRIFKDLQKMAEV
GYDRNNKQHHRLLLCLLMTSCDLSDQTKGWKTTRKIAELIYKEFFSQGDLEKAMGNRPMEMMDREKAYIPELQISFMEHI
AMPIYKLLQDLFPKAAELYERVASNREHWTKVSHKFTIRGLPSNNSLDFLDEE
;
_entity_poly.pdbx_strand_id   A,B
#
# COMPACT_ATOMS: atom_id res chain seq x y z
N SER A 19 -26.89 1.75 15.23
CA SER A 19 -25.72 1.68 14.33
C SER A 19 -26.00 2.30 12.94
N LEU A 20 -27.16 2.95 12.77
CA LEU A 20 -27.48 3.59 11.50
C LEU A 20 -27.00 5.03 11.56
N TYR A 21 -26.10 5.38 10.62
CA TYR A 21 -25.47 6.70 10.50
C TYR A 21 -25.62 7.09 9.04
N LYS A 22 -26.30 8.21 8.79
CA LYS A 22 -26.62 8.59 7.41
C LYS A 22 -25.66 9.53 6.73
N LYS A 23 -25.69 9.52 5.39
CA LYS A 23 -24.93 10.42 4.54
C LYS A 23 -25.95 11.53 4.23
N ALA A 24 -25.59 12.82 4.34
CA ALA A 24 -26.60 13.85 4.07
C ALA A 24 -26.91 14.04 2.56
N GLY A 25 -26.04 13.52 1.71
CA GLY A 25 -26.21 13.61 0.26
C GLY A 25 -25.72 12.41 -0.53
N PHE A 26 -25.42 12.65 -1.83
CA PHE A 26 -24.96 11.63 -2.76
C PHE A 26 -23.54 11.88 -3.25
N TYR A 36 -23.05 27.89 0.26
CA TYR A 36 -22.00 28.13 -0.73
C TYR A 36 -21.82 29.61 -1.02
N THR A 37 -22.95 30.33 -1.22
CA THR A 37 -22.97 31.77 -1.49
C THR A 37 -22.49 32.50 -0.24
N LYS A 38 -23.01 32.11 0.94
CA LYS A 38 -22.66 32.66 2.26
C LYS A 38 -21.16 32.51 2.56
N LEU A 39 -20.51 31.55 1.89
CA LEU A 39 -19.09 31.28 2.03
C LEU A 39 -18.29 32.20 1.09
N LEU A 40 -18.76 32.39 -0.16
CA LEU A 40 -18.13 33.23 -1.18
C LEU A 40 -18.31 34.74 -0.94
N HIS A 41 -19.56 35.20 -0.70
CA HIS A 41 -19.92 36.60 -0.46
C HIS A 41 -19.23 37.13 0.78
N ASP A 42 -19.46 36.47 1.94
CA ASP A 42 -18.82 36.86 3.20
C ASP A 42 -17.39 36.33 3.05
N GLY A 43 -16.49 37.24 2.65
CA GLY A 43 -15.07 36.96 2.43
C GLY A 43 -14.39 36.20 3.55
N ILE A 44 -13.23 35.60 3.26
CA ILE A 44 -12.43 34.82 4.21
C ILE A 44 -12.16 35.71 5.44
N GLN A 45 -12.33 35.18 6.63
CA GLN A 45 -12.18 35.98 7.84
C GLN A 45 -10.79 35.95 8.50
N PRO A 46 -10.36 37.08 9.12
CA PRO A 46 -9.10 37.02 9.87
C PRO A 46 -9.42 36.11 11.08
N VAL A 47 -8.50 35.19 11.43
CA VAL A 47 -8.70 34.22 12.51
C VAL A 47 -9.05 34.86 13.87
N ALA A 48 -8.53 36.07 14.14
CA ALA A 48 -8.80 36.77 15.40
C ALA A 48 -10.28 37.14 15.53
N ALA A 49 -10.97 37.37 14.39
CA ALA A 49 -12.41 37.70 14.38
C ALA A 49 -13.22 36.45 14.79
N ILE A 50 -12.67 35.23 14.56
CA ILE A 50 -13.36 33.99 14.97
C ILE A 50 -13.28 33.88 16.52
N ASP A 51 -12.05 34.01 17.05
CA ASP A 51 -11.77 33.98 18.50
C ASP A 51 -10.37 34.51 18.74
N SER A 52 -10.20 35.37 19.76
CA SER A 52 -8.87 35.88 20.07
C SER A 52 -7.92 34.74 20.44
N ASN A 53 -8.46 33.58 20.90
CA ASN A 53 -7.69 32.41 21.35
C ASN A 53 -7.59 31.35 20.25
N PHE A 54 -8.03 31.67 19.02
CA PHE A 54 -8.09 30.72 17.88
C PHE A 54 -6.79 30.01 17.53
N ALA A 55 -5.65 30.68 17.73
CA ALA A 55 -4.32 30.14 17.39
C ALA A 55 -3.55 29.54 18.60
N SER A 56 -4.27 29.32 19.71
CA SER A 56 -3.70 28.78 20.93
C SER A 56 -4.04 27.33 21.18
N PHE A 57 -3.13 26.60 21.84
CA PHE A 57 -3.33 25.21 22.24
C PHE A 57 -4.48 25.09 23.26
N THR A 58 -4.91 26.23 23.85
CA THR A 58 -6.03 26.18 24.80
C THR A 58 -7.39 26.42 24.12
N TYR A 59 -7.41 26.57 22.80
CA TYR A 59 -8.68 26.75 22.10
C TYR A 59 -9.27 25.36 21.91
N THR A 60 -10.58 25.23 22.05
CA THR A 60 -11.33 23.99 21.89
C THR A 60 -12.16 24.15 20.62
N PRO A 61 -11.64 23.68 19.48
CA PRO A 61 -12.36 23.85 18.20
C PRO A 61 -13.78 23.27 18.16
N ARG A 62 -14.08 22.32 19.07
CA ARG A 62 -15.41 21.72 19.17
C ARG A 62 -16.45 22.71 19.67
N SER A 63 -15.98 23.83 20.29
CA SER A 63 -16.85 24.91 20.79
C SER A 63 -17.42 25.73 19.63
N LEU A 64 -16.76 25.70 18.47
CA LEU A 64 -17.19 26.48 17.31
C LEU A 64 -18.48 25.94 16.69
N PRO A 65 -19.52 26.79 16.41
CA PRO A 65 -20.75 26.27 15.79
C PRO A 65 -20.43 25.55 14.49
N GLU A 66 -21.08 24.41 14.26
CA GLU A 66 -20.82 23.62 13.06
C GLU A 66 -20.99 24.43 11.79
N ASP A 67 -21.95 25.39 11.77
CA ASP A 67 -22.21 26.22 10.61
C ASP A 67 -21.07 27.20 10.30
N ASP A 68 -20.14 27.41 11.27
CA ASP A 68 -19.00 28.32 11.09
C ASP A 68 -17.70 27.58 10.74
N THR A 69 -17.75 26.24 10.69
CA THR A 69 -16.53 25.43 10.48
C THR A 69 -15.96 25.55 9.08
N SER A 70 -16.81 25.63 8.04
CA SER A 70 -16.25 25.76 6.68
C SER A 70 -15.53 27.12 6.53
N MET A 71 -16.15 28.19 7.06
CA MET A 71 -15.51 29.52 7.07
C MET A 71 -14.17 29.43 7.83
N ALA A 72 -14.13 28.72 8.97
CA ALA A 72 -12.89 28.56 9.77
C ALA A 72 -11.79 27.82 9.02
N ILE A 73 -12.15 26.79 8.22
CA ILE A 73 -11.18 26.05 7.41
C ILE A 73 -10.52 27.03 6.43
N LEU A 74 -11.34 27.84 5.72
CA LEU A 74 -10.87 28.83 4.72
C LEU A 74 -9.95 29.83 5.39
N SER A 75 -10.38 30.32 6.57
CA SER A 75 -9.64 31.29 7.38
C SER A 75 -8.29 30.71 7.77
N MET A 76 -8.22 29.41 8.11
CA MET A 76 -6.95 28.77 8.46
C MET A 76 -6.01 28.65 7.28
N LEU A 77 -6.53 28.26 6.10
CA LEU A 77 -5.72 28.12 4.90
C LEU A 77 -5.17 29.49 4.48
N GLN A 78 -5.98 30.55 4.63
CA GLN A 78 -5.58 31.93 4.31
C GLN A 78 -4.50 32.41 5.28
N ASP A 79 -4.69 32.13 6.59
CA ASP A 79 -3.74 32.54 7.63
C ASP A 79 -2.38 31.84 7.50
N MET A 80 -2.37 30.60 6.97
CA MET A 80 -1.14 29.84 6.74
C MET A 80 -0.56 30.24 5.35
N ASN A 81 -1.27 31.15 4.63
CA ASN A 81 -0.95 31.69 3.29
C ASN A 81 -1.00 30.64 2.16
N PHE A 82 -1.70 29.49 2.37
CA PHE A 82 -1.78 28.45 1.33
C PHE A 82 -2.59 28.85 0.12
N ILE A 83 -3.63 29.68 0.31
CA ILE A 83 -4.48 30.15 -0.79
C ILE A 83 -3.65 30.98 -1.80
N ASN A 84 -2.86 31.95 -1.30
CA ASN A 84 -2.02 32.80 -2.15
C ASN A 84 -0.81 32.06 -2.74
N ASN A 85 -0.04 31.34 -1.89
CA ASN A 85 1.15 30.59 -2.31
C ASN A 85 0.89 29.49 -3.33
N TYR A 86 -0.30 28.84 -3.27
CA TYR A 86 -0.61 27.77 -4.23
C TYR A 86 -1.61 28.22 -5.27
N LYS A 87 -1.96 29.55 -5.29
CA LYS A 87 -2.92 30.15 -6.23
C LYS A 87 -4.21 29.34 -6.28
N ILE A 88 -4.77 29.03 -5.11
CA ILE A 88 -5.98 28.24 -4.98
C ILE A 88 -7.18 29.09 -5.33
N ASP A 89 -8.03 28.58 -6.24
CA ASP A 89 -9.25 29.25 -6.66
C ASP A 89 -10.21 29.15 -5.44
N CYS A 90 -10.61 30.31 -4.89
CA CYS A 90 -11.48 30.37 -3.72
C CYS A 90 -12.85 29.71 -3.94
N PRO A 91 -13.61 29.91 -5.06
CA PRO A 91 -14.88 29.20 -5.22
C PRO A 91 -14.69 27.66 -5.21
N THR A 92 -13.60 27.17 -5.85
CA THR A 92 -13.22 25.75 -5.91
C THR A 92 -12.94 25.28 -4.49
N LEU A 93 -12.21 26.10 -3.70
CA LEU A 93 -11.87 25.81 -2.32
C LEU A 93 -13.12 25.72 -1.47
N ALA A 94 -14.05 26.69 -1.63
CA ALA A 94 -15.32 26.70 -0.90
C ALA A 94 -16.13 25.42 -1.24
N ARG A 95 -16.21 25.04 -2.53
CA ARG A 95 -16.94 23.83 -2.96
C ARG A 95 -16.25 22.59 -2.38
N PHE A 96 -14.89 22.52 -2.48
CA PHE A 96 -14.11 21.40 -1.93
C PHE A 96 -14.42 21.22 -0.43
N CYS A 97 -14.38 22.31 0.37
N CYS A 97 -14.37 22.30 0.38
CA CYS A 97 -14.64 22.26 1.82
CA CYS A 97 -14.63 22.22 1.82
C CYS A 97 -16.06 21.74 2.14
C CYS A 97 -16.05 21.73 2.13
N LEU A 98 -17.08 22.20 1.37
CA LEU A 98 -18.47 21.78 1.57
C LEU A 98 -18.66 20.31 1.20
N MET A 99 -17.94 19.82 0.20
CA MET A 99 -17.97 18.42 -0.24
C MET A 99 -17.32 17.54 0.82
N VAL A 100 -16.20 18.01 1.39
CA VAL A 100 -15.49 17.26 2.42
C VAL A 100 -16.40 17.16 3.63
N LYS A 101 -17.01 18.29 4.05
CA LYS A 101 -17.96 18.35 5.17
C LYS A 101 -19.14 17.37 4.97
N LYS A 102 -19.75 17.37 3.75
CA LYS A 102 -20.87 16.48 3.42
C LYS A 102 -20.44 15.01 3.31
N GLY A 103 -19.14 14.76 3.17
CA GLY A 103 -18.55 13.44 3.06
C GLY A 103 -18.54 12.64 4.35
N TYR A 104 -18.89 13.29 5.48
CA TYR A 104 -18.91 12.63 6.77
C TYR A 104 -20.31 12.19 7.16
N ARG A 105 -20.42 10.98 7.75
CA ARG A 105 -21.70 10.49 8.28
C ARG A 105 -21.90 11.09 9.68
N ASP A 106 -22.93 10.64 10.45
CA ASP A 106 -23.19 11.21 11.76
C ASP A 106 -23.03 10.20 12.93
N PRO A 107 -21.96 9.37 13.00
CA PRO A 107 -21.79 8.55 14.20
C PRO A 107 -21.42 9.51 15.36
N PRO A 108 -21.47 9.05 16.64
CA PRO A 108 -21.18 9.97 17.74
C PRO A 108 -19.80 10.63 17.71
N TYR A 109 -18.76 9.89 17.30
CA TYR A 109 -17.41 10.43 17.26
C TYR A 109 -16.85 10.74 15.86
N HIS A 110 -16.83 9.76 14.96
CA HIS A 110 -16.22 9.93 13.63
C HIS A 110 -17.11 10.68 12.63
N ASN A 111 -17.36 11.94 12.95
CA ASN A 111 -18.17 12.86 12.16
C ASN A 111 -17.30 14.07 11.71
N TRP A 112 -17.91 15.04 11.03
CA TRP A 112 -17.23 16.25 10.52
C TRP A 112 -16.61 17.06 11.66
N MET A 113 -17.30 17.18 12.81
CA MET A 113 -16.70 17.96 13.91
C MET A 113 -15.36 17.36 14.37
N HIS A 114 -15.20 16.04 14.27
CA HIS A 114 -13.94 15.39 14.60
C HIS A 114 -12.89 15.81 13.56
N ALA A 115 -13.24 15.69 12.23
CA ALA A 115 -12.28 16.08 11.18
C ALA A 115 -11.90 17.55 11.30
N PHE A 116 -12.88 18.41 11.60
CA PHE A 116 -12.66 19.86 11.78
C PHE A 116 -11.68 20.11 12.92
N SER A 117 -11.90 19.47 14.07
N SER A 117 -11.89 19.44 14.06
CA SER A 117 -11.03 19.66 15.23
CA SER A 117 -11.05 19.59 15.25
C SER A 117 -9.61 19.12 14.99
C SER A 117 -9.63 19.09 15.02
N VAL A 118 -9.48 18.02 14.23
CA VAL A 118 -8.18 17.44 13.90
C VAL A 118 -7.43 18.45 12.99
N SER A 119 -8.16 19.05 12.03
CA SER A 119 -7.65 20.05 11.07
C SER A 119 -7.22 21.28 11.86
N HIS A 120 -8.00 21.68 12.86
CA HIS A 120 -7.62 22.83 13.67
C HIS A 120 -6.31 22.58 14.44
N PHE A 121 -6.07 21.35 14.89
CA PHE A 121 -4.83 21.05 15.58
C PHE A 121 -3.64 21.15 14.65
N CYS A 122 -3.81 20.71 13.40
CA CYS A 122 -2.73 20.85 12.40
C CYS A 122 -2.34 22.31 12.28
N TYR A 123 -3.36 23.19 12.17
CA TYR A 123 -3.16 24.65 12.11
C TYR A 123 -2.41 25.14 13.36
N LEU A 124 -2.79 24.64 14.56
CA LEU A 124 -2.11 25.03 15.81
C LEU A 124 -0.64 24.62 15.80
N LEU A 125 -0.33 23.43 15.25
CA LEU A 125 1.08 22.98 15.18
C LEU A 125 1.87 23.93 14.28
N TYR A 126 1.27 24.37 13.14
CA TYR A 126 1.91 25.31 12.21
C TYR A 126 2.18 26.64 12.96
N LYS A 127 1.15 27.20 13.62
CA LYS A 127 1.24 28.48 14.35
C LYS A 127 2.14 28.49 15.57
N ASN A 128 2.20 27.36 16.31
CA ASN A 128 2.95 27.30 17.56
C ASN A 128 4.30 26.64 17.51
N LEU A 129 4.47 25.64 16.67
CA LEU A 129 5.76 24.95 16.57
C LEU A 129 6.48 25.57 15.36
N GLU A 130 7.67 25.12 15.03
CA GLU A 130 8.26 25.81 13.89
C GLU A 130 8.28 24.88 12.68
N LEU A 131 7.07 24.38 12.30
CA LEU A 131 6.86 23.41 11.22
C LEU A 131 7.64 23.69 9.95
N THR A 132 7.64 24.97 9.48
CA THR A 132 8.36 25.44 8.30
C THR A 132 9.86 25.15 8.34
N ASN A 133 10.43 25.00 9.56
CA ASN A 133 11.84 24.69 9.80
C ASN A 133 12.08 23.18 9.86
N TYR A 134 11.00 22.38 9.67
CA TYR A 134 11.10 20.92 9.75
C TYR A 134 10.58 20.23 8.49
N LEU A 135 9.54 20.80 7.85
CA LEU A 135 8.90 20.20 6.67
C LEU A 135 8.76 21.20 5.56
N GLU A 136 8.59 20.70 4.32
CA GLU A 136 8.38 21.53 3.13
C GLU A 136 6.96 22.10 3.21
N ASP A 137 6.73 23.26 2.58
CA ASP A 137 5.42 23.90 2.58
C ASP A 137 4.33 22.97 2.05
N ILE A 138 4.64 22.18 0.99
CA ILE A 138 3.73 21.24 0.33
C ILE A 138 3.32 20.11 1.28
N GLU A 139 4.23 19.70 2.15
CA GLU A 139 4.00 18.65 3.13
C GLU A 139 3.05 19.12 4.24
N ILE A 140 3.16 20.40 4.62
CA ILE A 140 2.28 20.99 5.64
C ILE A 140 0.88 21.17 5.03
N PHE A 141 0.81 21.63 3.75
CA PHE A 141 -0.44 21.80 3.05
C PHE A 141 -1.14 20.43 2.97
N ALA A 142 -0.37 19.37 2.64
CA ALA A 142 -0.89 18.01 2.51
C ALA A 142 -1.38 17.49 3.85
N LEU A 143 -0.63 17.81 4.93
CA LEU A 143 -1.01 17.38 6.28
C LEU A 143 -2.39 17.97 6.62
N PHE A 144 -2.60 19.29 6.37
CA PHE A 144 -3.88 19.96 6.65
C PHE A 144 -5.02 19.36 5.83
N ILE A 145 -4.87 19.28 4.49
CA ILE A 145 -5.93 18.71 3.63
C ILE A 145 -6.24 17.26 4.06
N SER A 146 -5.21 16.47 4.39
CA SER A 146 -5.39 15.10 4.87
C SER A 146 -6.19 15.08 6.15
N CYS A 147 -5.91 16.01 7.10
CA CYS A 147 -6.66 16.09 8.35
C CYS A 147 -8.16 16.26 8.05
N MET A 148 -8.47 17.09 7.06
CA MET A 148 -9.85 17.35 6.68
C MET A 148 -10.55 16.07 6.17
N CYS A 149 -9.82 15.29 5.39
CA CYS A 149 -10.27 14.08 4.69
C CYS A 149 -10.08 12.76 5.41
N HIS A 150 -9.26 12.72 6.47
CA HIS A 150 -8.73 11.50 7.06
C HIS A 150 -9.75 10.47 7.57
N ASP A 151 -11.01 10.85 7.85
CA ASP A 151 -12.00 9.86 8.31
C ASP A 151 -13.25 9.88 7.42
N LEU A 152 -13.14 10.41 6.18
CA LEU A 152 -14.29 10.55 5.27
C LEU A 152 -15.12 9.30 5.16
N ASP A 153 -16.45 9.45 5.26
CA ASP A 153 -17.37 8.32 5.11
C ASP A 153 -17.19 7.19 6.14
N HIS A 154 -16.61 7.51 7.33
CA HIS A 154 -16.42 6.52 8.39
C HIS A 154 -17.85 6.03 8.81
N ARG A 155 -17.99 4.74 9.07
CA ARG A 155 -19.25 4.08 9.40
C ARG A 155 -19.45 3.81 10.88
N GLY A 156 -18.57 4.34 11.72
CA GLY A 156 -18.68 4.14 13.16
C GLY A 156 -18.27 2.74 13.59
N THR A 157 -17.51 2.05 12.75
CA THR A 157 -17.02 0.71 13.01
C THR A 157 -15.54 0.68 12.69
N ASN A 158 -14.81 -0.24 13.30
CA ASN A 158 -13.37 -0.36 13.10
C ASN A 158 -13.04 -1.29 11.94
N ASN A 159 -11.74 -1.49 11.66
CA ASN A 159 -11.30 -2.36 10.56
C ASN A 159 -11.72 -3.81 10.72
N SER A 160 -11.64 -4.37 11.95
CA SER A 160 -12.02 -5.77 12.23
C SER A 160 -13.49 -6.02 11.85
N PHE A 161 -14.36 -5.03 12.13
CA PHE A 161 -15.77 -5.13 11.78
C PHE A 161 -15.99 -5.24 10.27
N GLN A 162 -15.22 -4.46 9.47
CA GLN A 162 -15.36 -4.51 8.01
C GLN A 162 -15.14 -5.92 7.52
N VAL A 163 -14.08 -6.60 8.03
CA VAL A 163 -13.73 -7.98 7.70
C VAL A 163 -14.85 -8.95 8.11
N ALA A 164 -15.27 -8.88 9.38
CA ALA A 164 -16.31 -9.75 9.94
C ALA A 164 -17.67 -9.60 9.26
N SER A 165 -18.09 -8.36 8.97
CA SER A 165 -19.34 -8.11 8.28
C SER A 165 -19.23 -8.38 6.77
N LYS A 166 -18.02 -8.75 6.27
CA LYS A 166 -17.73 -9.04 4.85
C LYS A 166 -18.25 -7.89 3.98
N SER A 167 -17.86 -6.65 4.35
CA SER A 167 -18.31 -5.45 3.67
C SER A 167 -17.65 -5.25 2.30
N VAL A 168 -18.21 -4.36 1.47
CA VAL A 168 -17.62 -4.05 0.15
C VAL A 168 -16.24 -3.40 0.34
N LEU A 169 -16.07 -2.63 1.46
CA LEU A 169 -14.79 -1.99 1.75
C LEU A 169 -13.78 -3.06 2.09
N ALA A 170 -14.19 -4.09 2.89
CA ALA A 170 -13.28 -5.19 3.22
C ALA A 170 -12.91 -5.96 1.94
N ALA A 171 -13.90 -6.18 1.04
CA ALA A 171 -13.66 -6.88 -0.22
C ALA A 171 -12.60 -6.14 -1.06
N LEU A 172 -12.68 -4.79 -1.09
CA LEU A 172 -11.77 -3.93 -1.82
C LEU A 172 -10.38 -3.84 -1.24
N TYR A 173 -10.26 -3.71 0.10
CA TYR A 173 -8.97 -3.45 0.73
C TYR A 173 -8.40 -4.39 1.79
N SER A 174 -9.17 -5.33 2.35
CA SER A 174 -8.66 -6.19 3.45
C SER A 174 -7.36 -6.89 3.16
N SER A 175 -7.23 -7.45 1.96
CA SER A 175 -6.00 -8.18 1.58
C SER A 175 -4.77 -7.28 1.62
N GLU A 176 -4.94 -5.93 1.49
CA GLU A 176 -3.84 -4.96 1.47
C GLU A 176 -3.60 -4.24 2.80
N GLY A 177 -4.55 -4.34 3.75
CA GLY A 177 -4.48 -3.75 5.09
C GLY A 177 -5.15 -2.39 5.20
N SER A 178 -5.42 -1.93 6.45
CA SER A 178 -5.99 -0.60 6.73
C SER A 178 -7.23 -0.30 5.89
N VAL A 179 -8.26 -1.18 5.96
CA VAL A 179 -9.51 -1.06 5.20
C VAL A 179 -10.09 0.34 5.23
N MET A 180 -10.49 0.84 6.43
CA MET A 180 -11.12 2.18 6.47
C MET A 180 -10.24 3.29 5.95
N GLU A 181 -8.96 3.29 6.29
CA GLU A 181 -8.02 4.36 5.89
C GLU A 181 -7.82 4.44 4.35
N ARG A 182 -7.80 3.29 3.68
CA ARG A 182 -7.71 3.21 2.20
C ARG A 182 -9.00 3.80 1.64
N HIS A 183 -10.17 3.53 2.30
CA HIS A 183 -11.44 4.08 1.86
C HIS A 183 -11.47 5.59 2.04
N HIS A 184 -10.96 6.11 3.18
CA HIS A 184 -10.95 7.56 3.45
C HIS A 184 -10.19 8.30 2.34
N PHE A 185 -9.07 7.74 1.93
CA PHE A 185 -8.23 8.31 0.88
C PHE A 185 -8.97 8.24 -0.46
N ALA A 186 -9.61 7.10 -0.76
CA ALA A 186 -10.34 6.95 -2.02
C ALA A 186 -11.46 7.96 -2.09
N GLN A 187 -12.14 8.23 -0.95
CA GLN A 187 -13.21 9.22 -0.87
C GLN A 187 -12.66 10.63 -1.15
N ALA A 188 -11.46 10.93 -0.61
CA ALA A 188 -10.78 12.23 -0.79
C ALA A 188 -10.49 12.45 -2.27
N ILE A 189 -9.97 11.41 -2.95
CA ILE A 189 -9.66 11.39 -4.39
C ILE A 189 -10.92 11.63 -5.23
N ALA A 190 -12.04 10.99 -4.84
CA ALA A 190 -13.34 11.13 -5.53
C ALA A 190 -13.82 12.57 -5.45
N ILE A 191 -13.52 13.26 -4.32
CA ILE A 191 -13.91 14.66 -4.16
C ILE A 191 -13.06 15.52 -5.13
N LEU A 192 -11.76 15.26 -5.20
CA LEU A 192 -10.87 16.02 -6.12
C LEU A 192 -11.34 15.85 -7.57
N ASN A 193 -11.81 14.64 -7.93
CA ASN A 193 -12.33 14.27 -9.24
C ASN A 193 -13.77 14.78 -9.52
N THR A 194 -14.41 15.42 -8.54
CA THR A 194 -15.77 15.98 -8.71
C THR A 194 -15.63 17.34 -9.38
N HIS A 195 -16.46 17.59 -10.42
CA HIS A 195 -16.49 18.83 -11.20
C HIS A 195 -16.57 20.07 -10.30
N GLY A 196 -15.59 20.96 -10.43
CA GLY A 196 -15.50 22.21 -9.68
C GLY A 196 -14.90 22.16 -8.29
N CYS A 197 -14.43 20.97 -7.86
CA CYS A 197 -13.87 20.72 -6.52
C CYS A 197 -12.39 20.44 -6.50
N ASN A 198 -11.76 20.39 -7.69
CA ASN A 198 -10.34 20.09 -7.75
C ASN A 198 -9.46 21.28 -7.40
N ILE A 199 -9.13 21.40 -6.10
CA ILE A 199 -8.30 22.49 -5.57
C ILE A 199 -6.85 22.43 -6.09
N PHE A 200 -6.41 21.28 -6.62
CA PHE A 200 -5.04 21.09 -7.16
C PHE A 200 -5.03 21.02 -8.69
N ASP A 201 -6.13 21.38 -9.33
CA ASP A 201 -6.30 21.28 -10.78
C ASP A 201 -5.17 21.88 -11.61
N HIS A 202 -4.75 23.12 -11.25
CA HIS A 202 -3.71 23.87 -11.96
C HIS A 202 -2.29 23.44 -11.62
N PHE A 203 -2.15 22.45 -10.71
CA PHE A 203 -0.83 21.96 -10.32
C PHE A 203 -0.22 21.19 -11.48
N SER A 204 1.12 21.16 -11.56
CA SER A 204 1.84 20.40 -12.59
C SER A 204 1.58 18.94 -12.31
N ARG A 205 1.77 18.05 -13.31
CA ARG A 205 1.57 16.61 -13.12
C ARG A 205 2.39 16.09 -11.93
N LYS A 206 3.65 16.54 -11.82
CA LYS A 206 4.55 16.15 -10.73
C LYS A 206 4.04 16.62 -9.34
N ASP A 207 3.60 17.89 -9.22
CA ASP A 207 3.10 18.42 -7.95
C ASP A 207 1.74 17.82 -7.59
N TYR A 208 0.86 17.56 -8.61
CA TYR A 208 -0.46 16.95 -8.40
C TYR A 208 -0.26 15.55 -7.84
N GLN A 209 0.71 14.81 -8.43
CA GLN A 209 1.03 13.45 -7.98
C GLN A 209 1.61 13.48 -6.57
N ARG A 210 2.50 14.46 -6.25
CA ARG A 210 3.11 14.56 -4.91
C ARG A 210 2.01 14.73 -3.85
N MET A 211 0.98 15.56 -4.16
CA MET A 211 -0.15 15.80 -3.27
C MET A 211 -0.90 14.49 -3.01
N LEU A 212 -1.17 13.70 -4.08
CA LEU A 212 -1.86 12.40 -3.90
C LEU A 212 -1.02 11.43 -3.05
N ASP A 213 0.30 11.33 -3.33
CA ASP A 213 1.20 10.44 -2.57
C ASP A 213 1.29 10.86 -1.11
N LEU A 214 1.36 12.16 -0.85
CA LEU A 214 1.44 12.64 0.53
C LEU A 214 0.13 12.33 1.25
N MET A 215 -1.01 12.64 0.63
CA MET A 215 -2.35 12.38 1.20
C MET A 215 -2.53 10.88 1.48
N ARG A 216 -2.00 9.99 0.60
CA ARG A 216 -2.11 8.55 0.83
C ARG A 216 -1.32 8.12 2.06
N ASP A 217 -0.04 8.50 2.15
CA ASP A 217 0.79 8.12 3.29
C ASP A 217 0.27 8.70 4.62
N ILE A 218 -0.17 9.96 4.59
CA ILE A 218 -0.65 10.67 5.80
C ILE A 218 -1.95 10.02 6.31
N ILE A 219 -2.93 9.78 5.42
CA ILE A 219 -4.20 9.13 5.82
C ILE A 219 -3.93 7.71 6.31
N LEU A 220 -3.05 6.94 5.63
CA LEU A 220 -2.72 5.60 6.10
C LEU A 220 -2.02 5.59 7.47
N ALA A 221 -1.37 6.72 7.86
CA ALA A 221 -0.69 6.80 9.17
C ALA A 221 -1.71 6.85 10.32
N THR A 222 -2.99 7.15 10.02
CA THR A 222 -4.06 7.20 11.06
C THR A 222 -4.49 5.82 11.55
N ASP A 223 -4.00 4.72 10.91
CA ASP A 223 -4.34 3.39 11.39
C ASP A 223 -3.42 3.12 12.57
N LEU A 224 -4.01 2.87 13.77
CA LEU A 224 -3.25 2.58 14.98
C LEU A 224 -2.26 1.43 14.73
N ALA A 225 -2.69 0.39 13.96
CA ALA A 225 -1.84 -0.75 13.63
C ALA A 225 -0.55 -0.26 12.94
N HIS A 226 -0.62 0.78 12.07
CA HIS A 226 0.55 1.35 11.40
C HIS A 226 1.44 2.08 12.40
N HIS A 227 0.81 2.81 13.37
CA HIS A 227 1.53 3.52 14.42
C HIS A 227 2.29 2.49 15.29
N LEU A 228 1.63 1.36 15.68
CA LEU A 228 2.22 0.27 16.48
C LEU A 228 3.45 -0.32 15.76
N ARG A 229 3.38 -0.41 14.40
CA ARG A 229 4.45 -0.94 13.55
C ARG A 229 5.66 -0.01 13.40
N ILE A 230 5.46 1.33 13.33
CA ILE A 230 6.55 2.31 13.14
C ILE A 230 7.02 2.98 14.44
N PHE A 231 6.42 2.66 15.60
CA PHE A 231 6.76 3.28 16.88
C PHE A 231 8.26 3.30 17.18
N LYS A 232 8.89 2.10 17.22
CA LYS A 232 10.32 1.91 17.49
C LYS A 232 11.22 2.82 16.66
N ASP A 233 10.77 3.18 15.43
CA ASP A 233 11.48 4.07 14.50
C ASP A 233 11.26 5.55 14.85
N LEU A 234 10.04 5.90 15.35
CA LEU A 234 9.76 7.27 15.78
C LEU A 234 10.60 7.49 17.06
N GLN A 235 10.65 6.45 17.93
CA GLN A 235 11.40 6.41 19.18
C GLN A 235 12.91 6.67 18.90
N LYS A 236 13.42 6.23 17.72
CA LYS A 236 14.80 6.40 17.25
C LYS A 236 15.06 7.76 16.56
N MET A 237 14.07 8.31 15.84
CA MET A 237 14.21 9.62 15.17
C MET A 237 14.42 10.72 16.22
N ALA A 238 13.70 10.63 17.36
CA ALA A 238 13.79 11.58 18.47
C ALA A 238 15.05 11.33 19.31
N GLU A 239 15.45 10.04 19.44
CA GLU A 239 16.64 9.61 20.19
C GLU A 239 17.93 10.13 19.55
N VAL A 240 17.98 10.15 18.21
CA VAL A 240 19.10 10.62 17.38
C VAL A 240 18.97 12.12 17.11
N GLY A 241 17.79 12.55 16.67
CA GLY A 241 17.51 13.95 16.37
C GLY A 241 17.00 14.15 14.97
N TYR A 242 16.07 15.10 14.79
CA TYR A 242 15.48 15.40 13.49
C TYR A 242 16.44 16.06 12.51
N ASP A 243 16.53 15.49 11.29
CA ASP A 243 17.37 16.02 10.23
C ASP A 243 16.52 16.37 9.00
N ARG A 244 16.40 17.67 8.73
CA ARG A 244 15.64 18.26 7.64
C ARG A 244 16.06 17.78 6.24
N ASN A 245 17.20 17.06 6.15
CA ASN A 245 17.75 16.54 4.90
C ASN A 245 17.45 15.07 4.70
N ASN A 246 17.00 14.38 5.77
CA ASN A 246 16.64 12.96 5.72
C ASN A 246 15.18 12.87 5.25
N LYS A 247 14.98 12.45 3.97
CA LYS A 247 13.67 12.30 3.34
C LYS A 247 12.75 11.37 4.12
N GLN A 248 13.36 10.44 4.87
CA GLN A 248 12.68 9.46 5.71
C GLN A 248 12.23 10.14 7.01
N HIS A 249 13.01 11.13 7.51
CA HIS A 249 12.64 11.86 8.72
C HIS A 249 11.37 12.70 8.48
N HIS A 250 11.20 13.21 7.23
CA HIS A 250 10.03 13.97 6.79
C HIS A 250 8.79 13.06 6.81
N ARG A 251 8.94 11.80 6.32
CA ARG A 251 7.86 10.79 6.28
C ARG A 251 7.40 10.40 7.68
N LEU A 252 8.35 10.02 8.58
CA LEU A 252 8.06 9.64 9.96
C LEU A 252 7.42 10.80 10.75
N LEU A 253 7.90 12.04 10.54
CA LEU A 253 7.39 13.22 11.25
C LEU A 253 5.94 13.44 10.90
N LEU A 254 5.61 13.38 9.59
CA LEU A 254 4.25 13.52 9.09
C LEU A 254 3.32 12.50 9.74
N CYS A 255 3.80 11.24 9.96
CA CYS A 255 3.05 10.16 10.61
C CYS A 255 2.81 10.55 12.05
N LEU A 256 3.87 10.97 12.77
CA LEU A 256 3.73 11.39 14.17
C LEU A 256 2.78 12.58 14.30
N LEU A 257 2.96 13.60 13.43
CA LEU A 257 2.11 14.81 13.48
C LEU A 257 0.68 14.47 13.17
N MET A 258 0.44 13.57 12.21
CA MET A 258 -0.93 13.23 11.87
C MET A 258 -1.61 12.53 13.06
N THR A 259 -0.92 11.57 13.72
CA THR A 259 -1.49 10.89 14.91
C THR A 259 -1.70 11.89 16.07
N SER A 260 -0.84 12.93 16.19
N SER A 260 -0.85 12.93 16.17
CA SER A 260 -1.01 13.96 17.24
CA SER A 260 -0.95 13.98 17.19
C SER A 260 -2.25 14.80 16.94
C SER A 260 -2.19 14.84 16.92
N CYS A 261 -2.57 15.01 15.66
CA CYS A 261 -3.78 15.78 15.29
C CYS A 261 -4.99 14.90 15.60
N ASP A 262 -4.90 13.58 15.22
CA ASP A 262 -5.99 12.63 15.43
C ASP A 262 -6.43 12.50 16.87
N LEU A 263 -5.48 12.50 17.79
CA LEU A 263 -5.74 12.32 19.23
C LEU A 263 -5.71 13.62 20.01
N SER A 264 -5.71 14.77 19.31
CA SER A 264 -5.60 16.08 19.96
C SER A 264 -6.72 16.45 20.96
N ASP A 265 -7.88 15.72 20.96
CA ASP A 265 -8.93 16.00 21.97
C ASP A 265 -8.36 15.72 23.37
N GLN A 266 -7.31 14.83 23.46
CA GLN A 266 -6.66 14.45 24.73
C GLN A 266 -5.79 15.56 25.36
N THR A 267 -5.47 16.59 24.55
CA THR A 267 -4.64 17.75 24.93
C THR A 267 -5.49 18.90 25.39
N LYS A 268 -6.79 18.74 25.41
CA LYS A 268 -7.65 19.85 25.83
C LYS A 268 -7.94 19.71 27.33
N GLY A 269 -8.95 20.41 27.82
CA GLY A 269 -9.31 20.31 29.24
C GLY A 269 -9.95 18.99 29.57
N TRP A 270 -10.10 18.73 30.88
CA TRP A 270 -10.71 17.52 31.40
C TRP A 270 -12.10 17.26 30.80
N LYS A 271 -12.94 18.30 30.74
CA LYS A 271 -14.31 18.20 30.22
C LYS A 271 -14.31 17.70 28.78
N THR A 272 -13.32 18.13 27.96
CA THR A 272 -13.20 17.67 26.58
C THR A 272 -12.88 16.18 26.55
N THR A 273 -11.87 15.70 27.33
CA THR A 273 -11.55 14.26 27.33
C THR A 273 -12.74 13.45 27.83
N ARG A 274 -13.49 13.99 28.80
CA ARG A 274 -14.67 13.29 29.34
C ARG A 274 -15.77 13.17 28.26
N LYS A 275 -16.07 14.27 27.59
CA LYS A 275 -17.09 14.24 26.54
C LYS A 275 -16.66 13.32 25.38
N ILE A 276 -15.36 13.35 24.99
CA ILE A 276 -14.91 12.52 23.87
C ILE A 276 -14.97 11.03 24.27
N ALA A 277 -14.69 10.69 25.54
CA ALA A 277 -14.80 9.31 26.02
C ALA A 277 -16.26 8.86 25.88
N GLU A 278 -17.21 9.74 26.23
CA GLU A 278 -18.65 9.45 26.09
C GLU A 278 -18.99 9.16 24.60
N LEU A 279 -18.50 10.00 23.69
CA LEU A 279 -18.78 9.84 22.25
C LEU A 279 -18.15 8.58 21.67
N ILE A 280 -16.86 8.36 21.95
CA ILE A 280 -16.08 7.20 21.48
C ILE A 280 -16.71 5.91 21.97
N TYR A 281 -17.04 5.82 23.27
CA TYR A 281 -17.64 4.61 23.79
C TYR A 281 -19.08 4.39 23.32
N LYS A 282 -19.88 5.46 23.12
CA LYS A 282 -21.23 5.30 22.58
C LYS A 282 -21.08 4.68 21.19
N GLU A 283 -20.11 5.19 20.38
CA GLU A 283 -19.87 4.62 19.06
C GLU A 283 -19.40 3.13 19.12
N PHE A 284 -18.40 2.83 19.98
CA PHE A 284 -17.86 1.48 20.18
C PHE A 284 -18.94 0.51 20.64
N PHE A 285 -19.77 0.94 21.61
CA PHE A 285 -20.84 0.09 22.16
C PHE A 285 -21.90 -0.26 21.14
N SER A 286 -22.22 0.71 20.25
CA SER A 286 -23.15 0.45 19.13
C SER A 286 -22.55 -0.63 18.21
N GLN A 287 -21.21 -0.58 17.89
CA GLN A 287 -20.58 -1.64 17.11
C GLN A 287 -20.72 -3.00 17.86
N GLY A 288 -20.41 -2.99 19.16
CA GLY A 288 -20.53 -4.21 19.95
C GLY A 288 -21.91 -4.82 19.93
N ASP A 289 -22.98 -3.98 20.04
CA ASP A 289 -24.39 -4.44 19.98
C ASP A 289 -24.64 -5.05 18.62
N LEU A 290 -24.11 -4.41 17.57
CA LEU A 290 -24.27 -4.93 16.22
C LEU A 290 -23.57 -6.29 16.04
N GLU A 291 -22.35 -6.45 16.59
CA GLU A 291 -21.63 -7.73 16.51
C GLU A 291 -22.42 -8.82 17.22
N LYS A 292 -23.00 -8.51 18.40
CA LYS A 292 -23.82 -9.47 19.15
C LYS A 292 -25.01 -9.88 18.32
N ALA A 293 -25.68 -8.91 17.64
CA ALA A 293 -26.84 -9.19 16.76
C ALA A 293 -26.48 -10.10 15.58
N MET A 294 -25.19 -10.09 15.17
CA MET A 294 -24.66 -10.94 14.10
C MET A 294 -24.20 -12.30 14.64
N GLY A 295 -24.33 -12.51 15.96
CA GLY A 295 -23.93 -13.74 16.65
C GLY A 295 -22.45 -13.88 16.92
N ASN A 296 -21.73 -12.73 17.03
CA ASN A 296 -20.29 -12.68 17.28
C ASN A 296 -20.01 -11.98 18.60
N ARG A 297 -18.98 -12.43 19.29
CA ARG A 297 -18.58 -11.85 20.56
C ARG A 297 -17.71 -10.62 20.29
N PRO A 298 -18.13 -9.41 20.69
CA PRO A 298 -17.28 -8.23 20.44
C PRO A 298 -16.06 -8.16 21.37
N MET A 299 -15.08 -7.28 21.05
CA MET A 299 -13.89 -7.02 21.89
C MET A 299 -14.53 -6.51 23.20
N GLU A 300 -13.89 -6.76 24.33
CA GLU A 300 -14.39 -6.30 25.63
C GLU A 300 -14.58 -4.78 25.64
N MET A 301 -13.66 -4.00 25.04
CA MET A 301 -13.80 -2.52 25.04
C MET A 301 -15.01 -2.01 24.25
N MET A 302 -15.56 -2.88 23.40
CA MET A 302 -16.71 -2.51 22.58
C MET A 302 -18.00 -3.17 23.12
N ASP A 303 -17.91 -3.83 24.28
CA ASP A 303 -19.04 -4.52 24.90
C ASP A 303 -19.49 -3.76 26.11
N ARG A 304 -20.69 -3.13 26.03
CA ARG A 304 -21.26 -2.32 27.09
C ARG A 304 -21.48 -3.08 28.42
N GLU A 305 -21.49 -4.42 28.37
CA GLU A 305 -21.64 -5.28 29.56
C GLU A 305 -20.28 -5.66 30.17
N LYS A 306 -19.18 -5.31 29.50
CA LYS A 306 -17.87 -5.68 30.01
C LYS A 306 -16.93 -4.51 30.21
N ALA A 307 -16.93 -3.56 29.27
CA ALA A 307 -16.04 -2.40 29.27
C ALA A 307 -16.14 -1.51 30.51
N TYR A 308 -14.99 -1.19 31.12
CA TYR A 308 -14.95 -0.26 32.26
C TYR A 308 -14.16 0.92 31.72
N ILE A 309 -14.90 1.97 31.32
CA ILE A 309 -14.37 3.16 30.64
C ILE A 309 -13.12 3.77 31.32
N PRO A 310 -13.13 4.07 32.63
CA PRO A 310 -11.93 4.69 33.22
C PRO A 310 -10.65 3.90 32.98
N GLU A 311 -10.70 2.56 33.17
CA GLU A 311 -9.54 1.68 32.98
C GLU A 311 -9.09 1.68 31.51
N LEU A 312 -10.06 1.59 30.60
CA LEU A 312 -9.78 1.59 29.17
C LEU A 312 -9.17 2.91 28.71
N GLN A 313 -9.70 4.04 29.20
CA GLN A 313 -9.23 5.39 28.88
C GLN A 313 -7.83 5.58 29.42
N ILE A 314 -7.57 5.17 30.70
CA ILE A 314 -6.23 5.26 31.29
C ILE A 314 -5.21 4.45 30.47
N SER A 315 -5.58 3.21 30.06
N SER A 315 -5.58 3.22 30.07
CA SER A 315 -4.75 2.31 29.26
CA SER A 315 -4.71 2.34 29.26
C SER A 315 -4.43 2.95 27.90
C SER A 315 -4.41 2.99 27.90
N PHE A 316 -5.46 3.55 27.26
CA PHE A 316 -5.31 4.23 25.97
C PHE A 316 -4.39 5.44 26.13
N MET A 317 -4.54 6.22 27.21
CA MET A 317 -3.67 7.38 27.41
C MET A 317 -2.22 6.97 27.65
N GLU A 318 -1.99 5.95 28.48
CA GLU A 318 -0.65 5.45 28.82
C GLU A 318 0.10 4.81 27.63
N HIS A 319 -0.59 3.91 26.89
CA HIS A 319 0.01 3.20 25.77
C HIS A 319 -0.02 3.91 24.46
N ILE A 320 -1.08 4.67 24.19
CA ILE A 320 -1.19 5.31 22.89
C ILE A 320 -0.96 6.83 22.89
N ALA A 321 -1.83 7.61 23.56
CA ALA A 321 -1.71 9.07 23.49
C ALA A 321 -0.45 9.67 24.13
N MET A 322 -0.16 9.35 25.39
CA MET A 322 1.02 9.91 26.09
C MET A 322 2.34 9.67 25.34
N PRO A 323 2.68 8.45 24.84
CA PRO A 323 3.96 8.29 24.10
C PRO A 323 4.02 9.11 22.82
N ILE A 324 2.86 9.39 22.17
CA ILE A 324 2.84 10.23 20.97
C ILE A 324 3.21 11.69 21.36
N TYR A 325 2.58 12.21 22.42
CA TYR A 325 2.90 13.60 22.80
C TYR A 325 4.29 13.72 23.46
N LYS A 326 4.79 12.64 24.07
CA LYS A 326 6.13 12.61 24.66
C LYS A 326 7.15 12.75 23.49
N LEU A 327 6.89 12.05 22.36
CA LEU A 327 7.75 12.15 21.16
C LEU A 327 7.71 13.55 20.58
N LEU A 328 6.49 14.17 20.50
CA LEU A 328 6.31 15.52 19.99
C LEU A 328 7.13 16.52 20.84
N GLN A 329 7.12 16.35 22.17
CA GLN A 329 7.87 17.18 23.13
C GLN A 329 9.39 17.03 22.87
N ASP A 330 9.85 15.77 22.65
CA ASP A 330 11.27 15.45 22.39
C ASP A 330 11.78 16.14 21.15
N LEU A 331 10.95 16.25 20.09
CA LEU A 331 11.28 16.88 18.83
C LEU A 331 11.06 18.40 18.83
N PHE A 332 10.00 18.87 19.50
CA PHE A 332 9.65 20.29 19.58
C PHE A 332 9.55 20.73 21.04
N PRO A 333 10.49 21.55 21.55
CA PRO A 333 10.42 21.95 22.98
C PRO A 333 9.14 22.67 23.39
N LYS A 334 8.59 23.50 22.48
CA LYS A 334 7.33 24.24 22.68
C LYS A 334 6.11 23.30 22.88
N ALA A 335 6.25 22.01 22.52
CA ALA A 335 5.18 21.01 22.65
C ALA A 335 5.05 20.39 24.04
N ALA A 336 5.90 20.80 25.00
CA ALA A 336 5.84 20.26 26.37
C ALA A 336 4.48 20.37 27.05
N GLU A 337 3.82 21.53 26.89
CA GLU A 337 2.50 21.79 27.49
C GLU A 337 1.45 20.75 27.05
N LEU A 338 1.56 20.27 25.79
CA LEU A 338 0.65 19.26 25.24
C LEU A 338 0.76 17.94 26.00
N TYR A 339 1.99 17.44 26.17
CA TYR A 339 2.23 16.22 26.91
C TYR A 339 1.77 16.40 28.37
N GLU A 340 2.13 17.53 29.03
CA GLU A 340 1.70 17.74 30.43
C GLU A 340 0.19 17.70 30.58
N ARG A 341 -0.56 18.29 29.60
CA ARG A 341 -2.01 18.26 29.65
C ARG A 341 -2.55 16.82 29.52
N VAL A 342 -1.95 16.00 28.62
CA VAL A 342 -2.39 14.60 28.46
C VAL A 342 -2.17 13.80 29.75
N ALA A 343 -0.96 13.93 30.37
CA ALA A 343 -0.59 13.30 31.64
C ALA A 343 -1.57 13.71 32.73
N SER A 344 -1.86 15.02 32.83
CA SER A 344 -2.80 15.61 33.78
C SER A 344 -4.19 14.98 33.60
N ASN A 345 -4.69 14.88 32.34
CA ASN A 345 -5.99 14.27 32.07
C ASN A 345 -6.02 12.81 32.48
N ARG A 346 -4.89 12.09 32.28
CA ARG A 346 -4.79 10.70 32.68
C ARG A 346 -4.90 10.63 34.21
N GLU A 347 -4.25 11.57 34.91
CA GLU A 347 -4.29 11.64 36.39
C GLU A 347 -5.72 11.88 36.84
N HIS A 348 -6.44 12.79 36.15
CA HIS A 348 -7.84 13.10 36.47
C HIS A 348 -8.73 11.84 36.35
N TRP A 349 -8.52 11.01 35.30
CA TRP A 349 -9.29 9.77 35.11
C TRP A 349 -9.09 8.80 36.28
N THR A 350 -7.83 8.66 36.77
CA THR A 350 -7.52 7.78 37.90
C THR A 350 -8.29 8.23 39.17
N LYS A 351 -8.21 9.54 39.48
CA LYS A 351 -8.85 10.16 40.64
C LYS A 351 -10.38 10.11 40.63
N VAL A 352 -10.99 10.17 39.43
CA VAL A 352 -12.44 10.16 39.25
C VAL A 352 -13.01 8.72 39.15
N SER A 353 -12.17 7.71 38.84
CA SER A 353 -12.58 6.31 38.71
C SER A 353 -13.41 5.77 39.89
N HIS A 354 -13.09 6.20 41.14
CA HIS A 354 -13.80 5.80 42.36
C HIS A 354 -15.29 6.20 42.31
N LYS A 355 -15.63 7.26 41.56
CA LYS A 355 -16.99 7.79 41.39
C LYS A 355 -17.77 7.16 40.21
N PHE A 356 -17.11 6.32 39.40
CA PHE A 356 -17.65 5.61 38.22
C PHE A 356 -17.52 4.12 38.57
N THR A 357 -18.55 3.55 39.15
CA THR A 357 -18.57 2.17 39.66
C THR A 357 -19.26 1.15 38.75
N ILE A 358 -19.55 1.55 37.49
CA ILE A 358 -20.29 0.68 36.57
C ILE A 358 -19.56 0.40 35.27
N ARG A 359 -19.90 -0.73 34.64
CA ARG A 359 -19.37 -1.08 33.33
C ARG A 359 -20.27 -0.34 32.33
N GLY A 360 -19.74 -0.06 31.14
CA GLY A 360 -20.49 0.65 30.11
C GLY A 360 -20.74 2.11 30.47
N LEU A 361 -21.85 2.65 29.97
CA LEU A 361 -22.30 4.02 30.20
C LEU A 361 -23.60 4.01 30.98
N PRO A 362 -23.92 5.10 31.71
CA PRO A 362 -25.23 5.15 32.41
C PRO A 362 -26.37 5.13 31.38
N SER A 363 -27.63 4.92 31.84
CA SER A 363 -28.82 4.87 30.99
C SER A 363 -28.99 6.04 30.02
N ASN A 364 -28.54 7.27 30.39
CA ASN A 364 -28.67 8.47 29.55
C ASN A 364 -27.48 8.71 28.60
N ASN A 365 -26.51 7.77 28.54
CA ASN A 365 -25.29 7.84 27.71
C ASN A 365 -24.41 9.06 28.04
N SER A 366 -24.51 9.58 29.26
CA SER A 366 -23.75 10.76 29.63
C SER A 366 -22.78 10.52 30.79
N LEU A 367 -21.65 11.24 30.77
CA LEU A 367 -20.64 11.15 31.80
C LEU A 367 -20.61 12.42 32.66
N ASP A 368 -21.67 13.26 32.55
CA ASP A 368 -21.81 14.52 33.30
C ASP A 368 -21.75 14.34 34.83
N PHE A 369 -22.11 13.15 35.34
CA PHE A 369 -22.08 12.80 36.77
C PHE A 369 -20.64 12.83 37.34
N LEU A 370 -19.61 12.72 36.47
CA LEU A 370 -18.21 12.74 36.87
C LEU A 370 -17.75 14.17 37.23
N LEU B 16 32.65 -14.83 -0.93
CA LEU B 16 31.38 -14.10 -0.96
C LEU B 16 31.19 -13.26 -2.25
N SER B 17 32.18 -13.35 -3.18
CA SER B 17 32.19 -12.66 -4.48
C SER B 17 30.95 -13.03 -5.29
N THR B 18 30.46 -14.26 -5.06
CA THR B 18 29.29 -14.86 -5.68
C THR B 18 28.01 -14.09 -5.35
N SER B 19 28.00 -13.25 -4.27
CA SER B 19 26.85 -12.43 -3.85
C SER B 19 26.87 -11.01 -4.41
N LEU B 20 27.90 -10.67 -5.21
CA LEU B 20 27.98 -9.35 -5.80
C LEU B 20 27.27 -9.38 -7.15
N TYR B 21 26.20 -8.60 -7.26
CA TYR B 21 25.36 -8.53 -8.47
C TYR B 21 25.28 -7.08 -8.80
N LYS B 22 25.79 -6.72 -9.99
CA LYS B 22 25.91 -5.35 -10.40
C LYS B 22 24.74 -4.83 -11.16
N LYS B 23 24.61 -3.50 -11.15
CA LYS B 23 23.62 -2.75 -11.93
C LYS B 23 24.46 -2.23 -13.12
N ALA B 24 23.92 -2.33 -14.36
CA ALA B 24 24.66 -1.85 -15.55
C ALA B 24 24.80 -0.33 -15.60
N GLY B 25 23.82 0.38 -15.07
CA GLY B 25 23.81 1.83 -15.05
C GLY B 25 23.31 2.39 -13.74
N PHE B 26 22.81 3.61 -13.80
CA PHE B 26 22.25 4.31 -12.68
C PHE B 26 20.75 4.42 -12.91
N ASP B 27 19.97 4.46 -11.82
CA ASP B 27 18.50 4.56 -11.90
C ASP B 27 18.00 5.87 -12.50
N GLU B 35 20.14 3.68 -27.82
CA GLU B 35 19.75 2.40 -28.41
C GLU B 35 18.29 2.35 -28.83
N TYR B 36 17.44 3.29 -28.36
CA TYR B 36 16.01 3.30 -28.70
C TYR B 36 15.77 3.46 -30.22
N THR B 37 16.54 4.35 -30.91
CA THR B 37 16.44 4.55 -32.36
C THR B 37 16.81 3.25 -33.09
N LYS B 38 17.94 2.61 -32.68
CA LYS B 38 18.42 1.33 -33.23
C LYS B 38 17.33 0.26 -33.08
N LEU B 39 16.66 0.24 -31.91
CA LEU B 39 15.59 -0.69 -31.59
C LEU B 39 14.39 -0.53 -32.55
N LEU B 40 14.05 0.71 -32.91
CA LEU B 40 12.91 1.00 -33.79
C LEU B 40 13.23 1.15 -35.32
N HIS B 41 14.52 1.14 -35.72
CA HIS B 41 14.98 1.28 -37.12
C HIS B 41 14.15 0.50 -38.18
N ASP B 42 13.93 -0.82 -37.98
CA ASP B 42 13.16 -1.64 -38.93
C ASP B 42 11.69 -1.91 -38.51
N GLY B 43 11.14 -1.03 -37.67
CA GLY B 43 9.77 -1.15 -37.17
C GLY B 43 9.60 -2.28 -36.17
N ILE B 44 8.39 -2.45 -35.65
CA ILE B 44 8.10 -3.50 -34.67
C ILE B 44 7.87 -4.80 -35.45
N GLN B 45 8.54 -5.87 -35.03
CA GLN B 45 8.48 -7.19 -35.68
C GLN B 45 7.20 -7.94 -35.37
N PRO B 46 6.46 -8.47 -36.37
CA PRO B 46 5.29 -9.30 -36.05
C PRO B 46 5.79 -10.55 -35.27
N VAL B 47 5.01 -11.00 -34.29
CA VAL B 47 5.42 -12.12 -33.44
C VAL B 47 5.77 -13.39 -34.23
N ALA B 48 5.00 -13.71 -35.27
CA ALA B 48 5.28 -14.93 -36.06
C ALA B 48 6.67 -14.86 -36.72
N ALA B 49 7.18 -13.65 -37.01
CA ALA B 49 8.52 -13.47 -37.59
C ALA B 49 9.58 -13.72 -36.51
N ILE B 50 9.21 -13.59 -35.21
CA ILE B 50 10.18 -13.89 -34.13
C ILE B 50 10.30 -15.43 -34.11
N ASP B 51 9.15 -16.12 -34.04
CA ASP B 51 9.09 -17.57 -34.02
C ASP B 51 7.66 -18.02 -34.32
N SER B 52 7.50 -19.06 -35.21
CA SER B 52 6.17 -19.56 -35.53
C SER B 52 5.48 -20.12 -34.27
N ASN B 53 6.27 -20.52 -33.25
CA ASN B 53 5.79 -21.11 -31.98
C ASN B 53 5.71 -20.08 -30.83
N PHE B 54 5.89 -18.80 -31.14
CA PHE B 54 5.92 -17.73 -30.13
C PHE B 54 4.68 -17.61 -29.22
N ALA B 55 3.46 -17.89 -29.74
CA ALA B 55 2.20 -17.77 -28.99
C ALA B 55 1.71 -19.10 -28.37
N SER B 56 2.62 -20.10 -28.33
CA SER B 56 2.35 -21.43 -27.79
C SER B 56 2.94 -21.68 -26.39
N PHE B 57 2.21 -22.47 -25.56
CA PHE B 57 2.65 -22.85 -24.24
C PHE B 57 3.95 -23.69 -24.31
N THR B 58 4.30 -24.19 -25.53
CA THR B 58 5.55 -24.96 -25.70
C THR B 58 6.74 -24.08 -26.06
N TYR B 59 6.53 -22.78 -26.19
CA TYR B 59 7.65 -21.89 -26.47
C TYR B 59 8.41 -21.67 -25.17
N THR B 60 9.75 -21.62 -25.25
CA THR B 60 10.60 -21.39 -24.07
C THR B 60 11.23 -20.05 -24.28
N PRO B 61 10.65 -18.99 -23.70
CA PRO B 61 11.18 -17.63 -23.93
C PRO B 61 12.65 -17.42 -23.52
N ARG B 62 13.19 -18.29 -22.64
CA ARG B 62 14.59 -18.22 -22.21
C ARG B 62 15.55 -18.59 -23.33
N SER B 63 15.02 -19.22 -24.41
CA SER B 63 15.77 -19.60 -25.61
C SER B 63 16.05 -18.39 -26.50
N LEU B 64 15.24 -17.31 -26.38
CA LEU B 64 15.44 -16.13 -27.21
C LEU B 64 16.72 -15.38 -26.81
N PRO B 65 17.57 -14.99 -27.79
CA PRO B 65 18.79 -14.25 -27.45
C PRO B 65 18.43 -13.00 -26.65
N GLU B 66 19.17 -12.73 -25.60
CA GLU B 66 18.92 -11.58 -24.75
C GLU B 66 18.79 -10.26 -25.50
N ASP B 67 19.61 -10.03 -26.54
CA ASP B 67 19.54 -8.79 -27.35
C ASP B 67 18.23 -8.64 -28.15
N ASP B 68 17.45 -9.72 -28.31
CA ASP B 68 16.19 -9.64 -29.04
C ASP B 68 15.00 -9.49 -28.11
N THR B 69 15.23 -9.49 -26.79
CA THR B 69 14.12 -9.43 -25.84
C THR B 69 13.36 -8.10 -25.83
N SER B 70 14.06 -6.94 -25.95
CA SER B 70 13.35 -5.66 -25.98
C SER B 70 12.40 -5.59 -27.17
N MET B 71 12.86 -6.04 -28.36
N MET B 71 12.84 -6.03 -28.37
CA MET B 71 12.08 -6.11 -29.61
CA MET B 71 11.97 -6.04 -29.54
C MET B 71 10.86 -7.03 -29.40
C MET B 71 10.79 -6.99 -29.29
N ALA B 72 11.04 -8.16 -28.70
CA ALA B 72 9.99 -9.16 -28.40
C ALA B 72 8.90 -8.56 -27.47
N ILE B 73 9.30 -7.72 -26.49
CA ILE B 73 8.36 -7.01 -25.62
C ILE B 73 7.47 -6.11 -26.51
N LEU B 74 8.06 -5.27 -27.37
CA LEU B 74 7.32 -4.38 -28.27
C LEU B 74 6.39 -5.21 -29.15
N SER B 75 6.91 -6.35 -29.70
CA SER B 75 6.11 -7.24 -30.55
C SER B 75 4.89 -7.76 -29.82
N MET B 76 5.06 -8.13 -28.52
CA MET B 76 3.93 -8.64 -27.72
C MET B 76 2.89 -7.56 -27.48
N LEU B 77 3.32 -6.36 -27.09
CA LEU B 77 2.40 -5.26 -26.84
C LEU B 77 1.67 -4.92 -28.14
N GLN B 78 2.37 -4.97 -29.30
CA GLN B 78 1.76 -4.72 -30.60
C GLN B 78 0.69 -5.77 -30.92
N ASP B 79 1.04 -7.05 -30.75
CA ASP B 79 0.16 -8.17 -31.07
C ASP B 79 -1.08 -8.23 -30.17
N MET B 80 -0.97 -7.74 -28.93
CA MET B 80 -2.11 -7.71 -28.00
C MET B 80 -2.95 -6.43 -28.27
N ASN B 81 -2.52 -5.63 -29.28
CA ASN B 81 -3.13 -4.37 -29.76
C ASN B 81 -3.07 -3.22 -28.73
N PHE B 82 -2.18 -3.31 -27.72
CA PHE B 82 -2.08 -2.23 -26.71
C PHE B 82 -1.49 -0.96 -27.25
N ILE B 83 -0.52 -1.07 -28.17
CA ILE B 83 0.13 0.11 -28.75
C ILE B 83 -0.91 0.92 -29.53
N ASN B 84 -1.72 0.24 -30.34
CA ASN B 84 -2.76 0.87 -31.13
C ASN B 84 -3.90 1.37 -30.26
N ASN B 85 -4.49 0.51 -29.40
CA ASN B 85 -5.61 0.87 -28.54
C ASN B 85 -5.34 2.04 -27.60
N TYR B 86 -4.12 2.12 -27.03
CA TYR B 86 -3.78 3.22 -26.12
C TYR B 86 -2.96 4.31 -26.76
N LYS B 87 -2.72 4.25 -28.08
CA LYS B 87 -1.94 5.25 -28.85
C LYS B 87 -0.58 5.52 -28.16
N ILE B 88 0.08 4.44 -27.70
CA ILE B 88 1.37 4.52 -26.99
C ILE B 88 2.41 5.05 -27.98
N ASP B 89 3.20 6.05 -27.56
CA ASP B 89 4.25 6.64 -28.38
C ASP B 89 5.36 5.56 -28.42
N CYS B 90 5.69 5.07 -29.63
CA CYS B 90 6.70 4.00 -29.79
C CYS B 90 8.09 4.39 -29.29
N PRO B 91 8.65 5.60 -29.54
CA PRO B 91 9.95 5.95 -28.93
C PRO B 91 9.93 5.88 -27.39
N THR B 92 8.85 6.37 -26.74
CA THR B 92 8.68 6.36 -25.28
C THR B 92 8.62 4.90 -24.80
N LEU B 93 7.87 4.04 -25.53
CA LEU B 93 7.76 2.61 -25.18
C LEU B 93 9.12 1.92 -25.32
N ALA B 94 9.88 2.20 -26.42
CA ALA B 94 11.22 1.64 -26.61
C ALA B 94 12.13 2.08 -25.44
N ARG B 95 12.11 3.39 -25.09
CA ARG B 95 12.93 3.88 -23.98
C ARG B 95 12.52 3.23 -22.65
N PHE B 96 11.19 3.12 -22.39
CA PHE B 96 10.71 2.47 -21.16
C PHE B 96 11.22 1.01 -21.10
N CYS B 97 11.12 0.27 -22.22
N CYS B 97 11.12 0.27 -22.21
CA CYS B 97 11.56 -1.13 -22.25
CA CYS B 97 11.56 -1.12 -22.22
C CYS B 97 13.05 -1.31 -21.93
C CYS B 97 13.04 -1.28 -21.88
N LEU B 98 13.91 -0.46 -22.50
CA LEU B 98 15.35 -0.50 -22.27
C LEU B 98 15.68 -0.14 -20.80
N MET B 99 14.96 0.85 -20.25
CA MET B 99 15.14 1.25 -18.85
C MET B 99 14.78 0.08 -17.92
N VAL B 100 13.68 -0.60 -18.20
CA VAL B 100 13.22 -1.74 -17.39
C VAL B 100 14.27 -2.84 -17.46
N LYS B 101 14.74 -3.17 -18.68
CA LYS B 101 15.77 -4.21 -18.87
C LYS B 101 17.02 -3.86 -18.08
N LYS B 102 17.48 -2.62 -18.17
CA LYS B 102 18.68 -2.13 -17.47
C LYS B 102 18.49 -2.05 -15.94
N GLY B 103 17.23 -2.11 -15.46
CA GLY B 103 16.91 -2.03 -14.02
C GLY B 103 17.08 -3.32 -13.24
N TYR B 104 17.45 -4.41 -13.94
CA TYR B 104 17.68 -5.70 -13.32
C TYR B 104 19.19 -5.93 -13.12
N ARG B 105 19.56 -6.52 -11.97
CA ARG B 105 20.95 -6.88 -11.68
C ARG B 105 21.22 -8.24 -12.33
N ASP B 106 22.36 -8.86 -12.03
CA ASP B 106 22.71 -10.11 -12.67
C ASP B 106 22.85 -11.31 -11.73
N PRO B 107 21.89 -11.57 -10.78
CA PRO B 107 22.01 -12.78 -9.96
C PRO B 107 21.67 -13.99 -10.82
N PRO B 108 21.93 -15.24 -10.39
CA PRO B 108 21.62 -16.39 -11.27
C PRO B 108 20.17 -16.47 -11.75
N TYR B 109 19.19 -16.17 -10.88
CA TYR B 109 17.79 -16.29 -11.28
C TYR B 109 17.04 -14.95 -11.47
N HIS B 110 17.10 -14.04 -10.50
CA HIS B 110 16.30 -12.80 -10.53
C HIS B 110 16.94 -11.69 -11.39
N ASN B 111 17.02 -11.97 -12.67
CA ASN B 111 17.62 -11.09 -13.67
C ASN B 111 16.58 -10.78 -14.74
N TRP B 112 16.97 -9.99 -15.73
CA TRP B 112 16.07 -9.59 -16.82
C TRP B 112 15.43 -10.76 -17.55
N MET B 113 16.21 -11.85 -17.79
CA MET B 113 15.65 -13.01 -18.52
C MET B 113 14.48 -13.64 -17.76
N HIS B 114 14.48 -13.55 -16.45
CA HIS B 114 13.34 -14.03 -15.66
C HIS B 114 12.18 -13.06 -15.90
N ALA B 115 12.41 -11.73 -15.78
CA ALA B 115 11.30 -10.79 -16.04
C ALA B 115 10.72 -10.96 -17.45
N PHE B 116 11.59 -11.10 -18.44
CA PHE B 116 11.19 -11.30 -19.83
C PHE B 116 10.31 -12.57 -19.99
N SER B 117 10.73 -13.70 -19.41
N SER B 117 10.73 -13.68 -19.39
CA SER B 117 9.99 -14.95 -19.53
CA SER B 117 10.00 -14.95 -19.48
C SER B 117 8.64 -14.89 -18.80
C SER B 117 8.65 -14.87 -18.81
N VAL B 118 8.58 -14.15 -17.68
CA VAL B 118 7.33 -13.95 -16.91
C VAL B 118 6.38 -13.11 -17.79
N SER B 119 6.91 -12.04 -18.45
CA SER B 119 6.10 -11.18 -19.35
C SER B 119 5.58 -12.00 -20.53
N HIS B 120 6.45 -12.88 -21.08
CA HIS B 120 6.07 -13.76 -22.20
C HIS B 120 4.91 -14.67 -21.79
N PHE B 121 4.94 -15.18 -20.56
CA PHE B 121 3.87 -16.04 -20.07
C PHE B 121 2.56 -15.25 -19.99
N CYS B 122 2.65 -13.97 -19.58
CA CYS B 122 1.44 -13.13 -19.53
C CYS B 122 0.86 -13.08 -20.93
N TYR B 123 1.70 -12.83 -21.93
CA TYR B 123 1.30 -12.79 -23.34
C TYR B 123 0.66 -14.12 -23.75
N LEU B 124 1.25 -15.27 -23.32
CA LEU B 124 0.67 -16.56 -23.66
C LEU B 124 -0.74 -16.74 -23.04
N LEU B 125 -0.97 -16.26 -21.81
CA LEU B 125 -2.30 -16.35 -21.18
C LEU B 125 -3.30 -15.52 -21.99
N TYR B 126 -2.91 -14.30 -22.40
CA TYR B 126 -3.76 -13.44 -23.23
C TYR B 126 -4.15 -14.16 -24.53
N LYS B 127 -3.17 -14.76 -25.23
CA LYS B 127 -3.39 -15.46 -26.50
C LYS B 127 -4.15 -16.79 -26.44
N ASN B 128 -3.93 -17.56 -25.39
CA ASN B 128 -4.51 -18.90 -25.27
C ASN B 128 -5.75 -19.01 -24.40
N LEU B 129 -5.83 -18.21 -23.33
CA LEU B 129 -6.96 -18.26 -22.41
C LEU B 129 -8.02 -17.21 -22.70
N GLU B 130 -7.77 -16.35 -23.71
CA GLU B 130 -8.69 -15.29 -24.15
C GLU B 130 -9.12 -14.43 -22.94
N LEU B 131 -8.11 -13.79 -22.31
CA LEU B 131 -8.29 -12.95 -21.13
C LEU B 131 -9.27 -11.80 -21.31
N THR B 132 -9.42 -11.29 -22.55
CA THR B 132 -10.36 -10.20 -22.87
C THR B 132 -11.82 -10.55 -22.53
N ASN B 133 -12.14 -11.85 -22.29
CA ASN B 133 -13.50 -12.29 -21.91
C ASN B 133 -13.66 -12.36 -20.37
N TYR B 134 -12.57 -12.08 -19.63
CA TYR B 134 -12.53 -12.15 -18.16
C TYR B 134 -12.11 -10.83 -17.51
N LEU B 135 -11.14 -10.12 -18.12
CA LEU B 135 -10.64 -8.87 -17.54
C LEU B 135 -10.78 -7.69 -18.45
N GLU B 136 -10.64 -6.49 -17.86
CA GLU B 136 -10.69 -5.27 -18.65
C GLU B 136 -9.37 -5.08 -19.37
N ASP B 137 -9.41 -4.41 -20.51
CA ASP B 137 -8.21 -4.10 -21.30
C ASP B 137 -7.10 -3.48 -20.43
N ILE B 138 -7.47 -2.51 -19.57
CA ILE B 138 -6.53 -1.80 -18.69
C ILE B 138 -5.89 -2.75 -17.65
N GLU B 139 -6.64 -3.75 -17.16
CA GLU B 139 -6.12 -4.72 -16.21
C GLU B 139 -5.09 -5.62 -16.87
N ILE B 140 -5.36 -6.08 -18.11
CA ILE B 140 -4.44 -6.93 -18.85
C ILE B 140 -3.16 -6.16 -19.15
N PHE B 141 -3.31 -4.90 -19.55
CA PHE B 141 -2.18 -4.03 -19.84
C PHE B 141 -1.31 -3.88 -18.60
N ALA B 142 -1.95 -3.59 -17.46
CA ALA B 142 -1.25 -3.43 -16.19
C ALA B 142 -0.57 -4.73 -15.79
N LEU B 143 -1.22 -5.90 -16.00
CA LEU B 143 -0.62 -7.22 -15.69
C LEU B 143 0.72 -7.40 -16.43
N PHE B 144 0.73 -7.11 -17.73
CA PHE B 144 1.91 -7.23 -18.58
C PHE B 144 3.03 -6.29 -18.18
N ILE B 145 2.72 -5.00 -17.99
CA ILE B 145 3.74 -4.05 -17.53
C ILE B 145 4.26 -4.47 -16.16
N SER B 146 3.36 -4.94 -15.27
CA SER B 146 3.81 -5.39 -13.96
C SER B 146 4.73 -6.57 -14.12
N CYS B 147 4.44 -7.50 -15.05
CA CYS B 147 5.33 -8.64 -15.28
C CYS B 147 6.73 -8.17 -15.59
N MET B 148 6.84 -7.17 -16.47
CA MET B 148 8.15 -6.64 -16.87
C MET B 148 8.93 -6.06 -15.68
N CYS B 149 8.19 -5.39 -14.79
CA CYS B 149 8.72 -4.65 -13.66
C CYS B 149 8.80 -5.36 -12.33
N HIS B 150 8.13 -6.53 -12.19
CA HIS B 150 7.87 -7.20 -10.91
C HIS B 150 9.08 -7.57 -10.06
N ASP B 151 10.30 -7.75 -10.61
CA ASP B 151 11.47 -8.05 -9.75
C ASP B 151 12.57 -7.00 -9.94
N LEU B 152 12.22 -5.76 -10.36
CA LEU B 152 13.21 -4.73 -10.65
C LEU B 152 14.21 -4.51 -9.53
N ASP B 153 15.52 -4.50 -9.84
CA ASP B 153 16.57 -4.23 -8.85
C ASP B 153 16.71 -5.29 -7.75
N HIS B 154 16.29 -6.54 -8.05
CA HIS B 154 16.39 -7.65 -7.11
C HIS B 154 17.88 -7.87 -6.79
N ARG B 155 18.19 -8.16 -5.54
CA ARG B 155 19.55 -8.32 -5.04
C ARG B 155 19.99 -9.76 -4.85
N GLY B 156 19.17 -10.72 -5.31
CA GLY B 156 19.49 -12.13 -5.14
C GLY B 156 19.24 -12.59 -3.71
N THR B 157 18.44 -11.83 -2.96
CA THR B 157 18.12 -12.17 -1.60
C THR B 157 16.62 -12.07 -1.36
N ASN B 158 16.12 -12.81 -0.36
CA ASN B 158 14.71 -12.80 0.03
C ASN B 158 14.44 -11.60 0.96
N ASN B 159 13.19 -11.42 1.40
CA ASN B 159 12.78 -10.33 2.28
C ASN B 159 13.39 -10.43 3.66
N SER B 160 13.52 -11.66 4.20
CA SER B 160 14.14 -11.91 5.53
C SER B 160 15.58 -11.40 5.58
N PHE B 161 16.35 -11.59 4.49
CA PHE B 161 17.72 -11.10 4.44
C PHE B 161 17.80 -9.57 4.55
N GLN B 162 16.86 -8.85 3.90
CA GLN B 162 16.82 -7.40 3.96
C GLN B 162 16.75 -6.92 5.42
N VAL B 163 15.85 -7.52 6.21
CA VAL B 163 15.66 -7.21 7.64
C VAL B 163 16.95 -7.52 8.39
N ALA B 164 17.48 -8.78 8.25
CA ALA B 164 18.71 -9.22 8.92
C ALA B 164 19.95 -8.38 8.60
N SER B 165 20.12 -7.94 7.33
CA SER B 165 21.26 -7.14 6.91
C SER B 165 21.07 -5.65 7.21
N LYS B 166 19.90 -5.28 7.77
CA LYS B 166 19.55 -3.88 8.10
C LYS B 166 19.73 -2.96 6.88
N SER B 167 19.23 -3.42 5.73
CA SER B 167 19.36 -2.68 4.48
C SER B 167 18.49 -1.44 4.43
N VAL B 168 18.77 -0.56 3.47
CA VAL B 168 18.02 0.67 3.20
C VAL B 168 16.57 0.26 2.84
N LEU B 169 16.42 -0.86 2.09
CA LEU B 169 15.12 -1.36 1.71
C LEU B 169 14.31 -1.78 2.94
N ALA B 170 14.95 -2.45 3.91
CA ALA B 170 14.23 -2.83 5.13
C ALA B 170 13.83 -1.58 5.94
N ALA B 171 14.71 -0.58 5.97
CA ALA B 171 14.44 0.68 6.69
C ALA B 171 13.21 1.41 6.10
N LEU B 172 13.09 1.40 4.77
CA LEU B 172 11.97 2.01 4.09
C LEU B 172 10.65 1.23 4.20
N TYR B 173 10.71 -0.12 4.07
CA TYR B 173 9.53 -0.97 3.98
C TYR B 173 9.27 -2.09 4.98
N SER B 174 10.24 -2.50 5.84
CA SER B 174 10.07 -3.67 6.74
C SER B 174 8.81 -3.70 7.58
N SER B 175 8.35 -2.54 8.08
CA SER B 175 7.14 -2.51 8.90
C SER B 175 5.91 -2.99 8.13
N GLU B 176 5.83 -2.66 6.81
CA GLU B 176 4.67 -3.02 5.97
C GLU B 176 4.74 -4.39 5.30
N GLY B 177 5.88 -5.07 5.43
CA GLY B 177 6.04 -6.37 4.80
C GLY B 177 6.31 -6.19 3.32
N SER B 178 6.50 -7.31 2.62
CA SER B 178 6.78 -7.32 1.18
C SER B 178 7.88 -6.32 0.79
N VAL B 179 8.97 -6.28 1.61
CA VAL B 179 10.12 -5.36 1.41
C VAL B 179 10.56 -5.28 -0.07
N MET B 180 11.00 -6.41 -0.66
CA MET B 180 11.48 -6.37 -2.06
C MET B 180 10.40 -5.95 -3.03
N GLU B 181 9.17 -6.46 -2.87
CA GLU B 181 8.04 -6.15 -3.78
C GLU B 181 7.70 -4.69 -3.76
N ARG B 182 7.80 -4.04 -2.59
CA ARG B 182 7.53 -2.60 -2.45
C ARG B 182 8.64 -1.86 -3.20
N HIS B 183 9.87 -2.34 -3.08
CA HIS B 183 10.99 -1.75 -3.80
C HIS B 183 10.81 -1.91 -5.31
N HIS B 184 10.39 -3.11 -5.78
CA HIS B 184 10.22 -3.35 -7.23
C HIS B 184 9.19 -2.33 -7.80
N PHE B 185 8.06 -2.13 -7.07
CA PHE B 185 7.03 -1.16 -7.48
C PHE B 185 7.64 0.26 -7.52
N ALA B 186 8.39 0.65 -6.48
CA ALA B 186 9.00 1.97 -6.42
C ALA B 186 9.96 2.17 -7.59
N GLN B 187 10.75 1.15 -7.95
CA GLN B 187 11.66 1.24 -9.11
C GLN B 187 10.88 1.40 -10.42
N ALA B 188 9.73 0.71 -10.55
CA ALA B 188 8.88 0.81 -11.74
C ALA B 188 8.36 2.26 -11.86
N ILE B 189 7.94 2.84 -10.73
CA ILE B 189 7.45 4.22 -10.65
C ILE B 189 8.58 5.19 -11.03
N ALA B 190 9.79 4.95 -10.53
CA ALA B 190 10.95 5.79 -10.83
C ALA B 190 11.25 5.78 -12.33
N ILE B 191 11.04 4.64 -12.99
CA ILE B 191 11.26 4.54 -14.43
C ILE B 191 10.22 5.38 -15.19
N LEU B 192 8.95 5.29 -14.82
CA LEU B 192 7.89 6.06 -15.50
C LEU B 192 8.14 7.56 -15.32
N ASN B 193 8.70 7.95 -14.17
CA ASN B 193 9.05 9.34 -13.84
C ASN B 193 10.37 9.82 -14.50
N THR B 194 11.00 8.95 -15.29
CA THR B 194 12.23 9.31 -15.99
C THR B 194 11.83 9.98 -17.29
N HIS B 195 12.54 11.09 -17.64
CA HIS B 195 12.27 11.85 -18.86
C HIS B 195 12.23 10.92 -20.09
N GLY B 196 11.16 11.05 -20.88
CA GLY B 196 10.93 10.30 -22.10
C GLY B 196 10.52 8.85 -21.92
N CYS B 197 10.20 8.44 -20.67
CA CYS B 197 9.83 7.03 -20.37
C CYS B 197 8.40 6.83 -19.87
N ASN B 198 7.59 7.90 -19.72
CA ASN B 198 6.24 7.71 -19.21
C ASN B 198 5.28 7.30 -20.29
N ILE B 199 5.18 5.99 -20.50
CA ILE B 199 4.30 5.42 -21.51
C ILE B 199 2.81 5.73 -21.32
N PHE B 200 2.40 6.07 -20.08
CA PHE B 200 0.99 6.35 -19.77
C PHE B 200 0.71 7.83 -19.44
N ASP B 201 1.63 8.77 -19.69
CA ASP B 201 1.45 10.17 -19.27
C ASP B 201 0.30 10.94 -19.96
N HIS B 202 -0.29 10.40 -21.03
CA HIS B 202 -1.40 10.99 -21.76
C HIS B 202 -2.74 10.48 -21.20
N PHE B 203 -2.69 9.47 -20.30
CA PHE B 203 -3.90 8.91 -19.68
C PHE B 203 -4.56 9.99 -18.81
N SER B 204 -5.88 9.90 -18.62
CA SER B 204 -6.61 10.84 -17.76
C SER B 204 -6.14 10.64 -16.30
N ARG B 205 -6.39 11.62 -15.40
CA ARG B 205 -5.97 11.43 -14.01
C ARG B 205 -6.58 10.16 -13.43
N LYS B 206 -7.84 9.84 -13.73
CA LYS B 206 -8.53 8.65 -13.23
C LYS B 206 -7.84 7.36 -13.70
N ASP B 207 -7.57 7.25 -15.02
CA ASP B 207 -6.93 6.08 -15.65
C ASP B 207 -5.48 5.94 -15.25
N TYR B 208 -4.79 7.07 -15.08
CA TYR B 208 -3.39 7.08 -14.64
C TYR B 208 -3.31 6.50 -13.24
N GLN B 209 -4.24 6.93 -12.34
CA GLN B 209 -4.34 6.46 -10.96
C GLN B 209 -4.68 4.96 -10.95
N ARG B 210 -5.61 4.53 -11.83
N ARG B 210 -5.61 4.52 -11.82
CA ARG B 210 -6.03 3.14 -11.97
CA ARG B 210 -6.03 3.12 -11.94
C ARG B 210 -4.79 2.27 -12.32
C ARG B 210 -4.79 2.25 -12.30
N MET B 211 -3.97 2.72 -13.28
CA MET B 211 -2.75 2.01 -13.72
C MET B 211 -1.76 1.84 -12.58
N LEU B 212 -1.45 2.91 -11.84
CA LEU B 212 -0.51 2.83 -10.72
C LEU B 212 -1.01 1.92 -9.63
N ASP B 213 -2.31 1.99 -9.28
CA ASP B 213 -2.89 1.12 -8.25
C ASP B 213 -2.86 -0.35 -8.70
N LEU B 214 -3.10 -0.60 -10.00
CA LEU B 214 -3.07 -1.96 -10.53
C LEU B 214 -1.67 -2.49 -10.44
N MET B 215 -0.69 -1.70 -10.91
CA MET B 215 0.74 -2.07 -10.87
C MET B 215 1.17 -2.32 -9.43
N ARG B 216 0.71 -1.47 -8.49
CA ARG B 216 1.04 -1.70 -7.08
C ARG B 216 0.53 -3.03 -6.59
N ASP B 217 -0.76 -3.27 -6.77
CA ASP B 217 -1.43 -4.49 -6.31
C ASP B 217 -0.87 -5.75 -6.94
N ILE B 218 -0.62 -5.70 -8.27
CA ILE B 218 -0.14 -6.88 -9.01
C ILE B 218 1.28 -7.24 -8.58
N ILE B 219 2.17 -6.23 -8.47
CA ILE B 219 3.55 -6.46 -8.04
C ILE B 219 3.55 -6.97 -6.59
N LEU B 220 2.73 -6.38 -5.71
CA LEU B 220 2.65 -6.85 -4.32
C LEU B 220 2.11 -8.31 -4.20
N ALA B 221 1.33 -8.77 -5.19
CA ALA B 221 0.78 -10.15 -5.23
C ALA B 221 1.89 -11.22 -5.46
N THR B 222 3.10 -10.78 -5.85
CA THR B 222 4.24 -11.70 -6.08
C THR B 222 4.90 -12.13 -4.78
N ASP B 223 4.49 -11.52 -3.62
CA ASP B 223 5.01 -11.92 -2.33
C ASP B 223 4.21 -13.16 -1.98
N LEU B 224 4.90 -14.28 -1.71
CA LEU B 224 4.23 -15.54 -1.36
C LEU B 224 3.36 -15.39 -0.11
N ALA B 225 3.78 -14.51 0.82
CA ALA B 225 2.99 -14.28 2.03
C ALA B 225 1.61 -13.73 1.64
N HIS B 226 1.53 -12.86 0.60
CA HIS B 226 0.26 -12.30 0.12
C HIS B 226 -0.58 -13.43 -0.50
N HIS B 227 0.04 -14.24 -1.40
CA HIS B 227 -0.62 -15.37 -2.07
C HIS B 227 -1.26 -16.33 -1.04
N LEU B 228 -0.55 -16.66 0.03
CA LEU B 228 -1.05 -17.56 1.08
C LEU B 228 -2.25 -16.92 1.84
N ARG B 229 -2.23 -15.59 2.04
CA ARG B 229 -3.29 -14.85 2.71
C ARG B 229 -4.60 -14.85 1.91
N ILE B 230 -4.52 -14.72 0.57
CA ILE B 230 -5.68 -14.68 -0.30
C ILE B 230 -6.07 -16.03 -0.87
N PHE B 231 -5.27 -17.08 -0.58
CA PHE B 231 -5.48 -18.43 -1.10
C PHE B 231 -6.91 -18.97 -0.92
N LYS B 232 -7.50 -18.84 0.29
CA LYS B 232 -8.88 -19.31 0.55
C LYS B 232 -9.90 -18.60 -0.32
N ASP B 233 -9.70 -17.27 -0.56
CA ASP B 233 -10.59 -16.48 -1.43
C ASP B 233 -10.44 -16.92 -2.89
N LEU B 234 -9.21 -17.32 -3.31
CA LEU B 234 -8.98 -17.81 -4.68
C LEU B 234 -9.74 -19.12 -4.82
N GLN B 235 -9.64 -20.01 -3.81
CA GLN B 235 -10.36 -21.29 -3.81
C GLN B 235 -11.87 -21.07 -3.92
N LYS B 236 -12.39 -20.09 -3.14
CA LYS B 236 -13.81 -19.72 -3.10
C LYS B 236 -14.27 -19.27 -4.48
N MET B 237 -13.48 -18.42 -5.17
CA MET B 237 -13.79 -17.96 -6.53
C MET B 237 -13.84 -19.12 -7.54
N ALA B 238 -12.87 -20.05 -7.47
CA ALA B 238 -12.79 -21.22 -8.37
C ALA B 238 -13.95 -22.20 -8.15
N GLU B 239 -14.46 -22.27 -6.90
CA GLU B 239 -15.56 -23.14 -6.50
C GLU B 239 -16.90 -22.58 -7.01
N VAL B 240 -17.19 -21.29 -6.70
CA VAL B 240 -18.45 -20.64 -7.10
C VAL B 240 -18.48 -20.26 -8.60
N GLY B 241 -17.31 -20.18 -9.21
CA GLY B 241 -17.18 -19.81 -10.61
C GLY B 241 -16.90 -18.33 -10.78
N TYR B 242 -16.03 -17.99 -11.74
CA TYR B 242 -15.64 -16.62 -12.03
C TYR B 242 -16.82 -15.80 -12.52
N ASP B 243 -16.95 -14.61 -11.96
CA ASP B 243 -17.99 -13.65 -12.31
C ASP B 243 -17.35 -12.36 -12.83
N ARG B 244 -17.50 -12.14 -14.14
CA ARG B 244 -17.00 -10.99 -14.90
C ARG B 244 -17.51 -9.64 -14.34
N ASN B 245 -18.65 -9.65 -13.62
CA ASN B 245 -19.25 -8.43 -13.08
C ASN B 245 -18.85 -8.18 -11.63
N ASN B 246 -18.10 -9.13 -11.04
CA ASN B 246 -17.61 -9.02 -9.68
C ASN B 246 -16.18 -8.44 -9.66
N LYS B 247 -16.01 -7.21 -9.11
CA LYS B 247 -14.73 -6.50 -9.01
C LYS B 247 -13.70 -7.23 -8.16
N GLN B 248 -14.12 -7.91 -7.06
CA GLN B 248 -13.18 -8.66 -6.23
C GLN B 248 -12.64 -9.86 -7.04
N HIS B 249 -13.48 -10.48 -7.90
CA HIS B 249 -13.06 -11.59 -8.75
C HIS B 249 -11.97 -11.09 -9.73
N HIS B 250 -12.09 -9.84 -10.23
CA HIS B 250 -11.08 -9.27 -11.15
C HIS B 250 -9.74 -9.14 -10.43
N ARG B 251 -9.75 -8.61 -9.17
CA ARG B 251 -8.57 -8.41 -8.32
C ARG B 251 -7.93 -9.76 -7.99
N LEU B 252 -8.73 -10.72 -7.57
CA LEU B 252 -8.28 -12.08 -7.24
C LEU B 252 -7.64 -12.77 -8.45
N LEU B 253 -8.32 -12.69 -9.62
CA LEU B 253 -7.82 -13.30 -10.86
C LEU B 253 -6.47 -12.67 -11.24
N LEU B 254 -6.33 -11.34 -11.10
CA LEU B 254 -5.06 -10.71 -11.44
C LEU B 254 -3.93 -11.24 -10.57
N CYS B 255 -4.20 -11.47 -9.24
CA CYS B 255 -3.20 -12.00 -8.32
C CYS B 255 -2.82 -13.41 -8.75
N LEU B 256 -3.84 -14.23 -9.08
CA LEU B 256 -3.57 -15.60 -9.49
C LEU B 256 -2.76 -15.65 -10.78
N LEU B 257 -3.15 -14.85 -11.77
CA LEU B 257 -2.42 -14.80 -13.04
C LEU B 257 -0.98 -14.34 -12.83
N MET B 258 -0.76 -13.29 -12.02
CA MET B 258 0.60 -12.82 -11.77
C MET B 258 1.48 -13.97 -11.16
N THR B 259 0.96 -14.68 -10.14
CA THR B 259 1.72 -15.79 -9.55
C THR B 259 1.95 -16.89 -10.58
N SER B 260 0.97 -17.13 -11.51
N SER B 260 0.98 -17.14 -11.49
CA SER B 260 1.06 -18.13 -12.57
CA SER B 260 1.15 -18.17 -12.51
C SER B 260 2.15 -17.76 -13.59
C SER B 260 2.26 -17.76 -13.50
N CYS B 261 2.37 -16.46 -13.79
CA CYS B 261 3.40 -15.93 -14.70
C CYS B 261 4.75 -16.05 -14.02
N ASP B 262 4.80 -15.73 -12.73
CA ASP B 262 6.05 -15.76 -11.95
C ASP B 262 6.65 -17.16 -11.85
N LEU B 263 5.81 -18.20 -11.73
CA LEU B 263 6.33 -19.58 -11.62
C LEU B 263 6.22 -20.35 -12.95
N SER B 264 6.01 -19.64 -14.06
CA SER B 264 5.77 -20.24 -15.40
C SER B 264 6.92 -21.10 -15.95
N ASP B 265 8.15 -21.01 -15.35
CA ASP B 265 9.25 -21.90 -15.77
C ASP B 265 8.88 -23.36 -15.44
N GLN B 266 8.01 -23.57 -14.41
CA GLN B 266 7.59 -24.93 -14.02
C GLN B 266 6.66 -25.62 -15.05
N THR B 267 6.09 -24.84 -15.96
CA THR B 267 5.17 -25.35 -17.00
C THR B 267 5.91 -25.71 -18.27
N LYS B 268 7.24 -25.61 -18.29
CA LYS B 268 7.98 -25.91 -19.50
C LYS B 268 8.47 -27.34 -19.46
N GLY B 269 9.42 -27.70 -20.31
CA GLY B 269 9.96 -29.06 -20.33
C GLY B 269 10.87 -29.33 -19.15
N TRP B 270 11.25 -30.61 -19.00
CA TRP B 270 12.13 -31.03 -17.91
C TRP B 270 13.45 -30.27 -17.90
N LYS B 271 14.04 -30.01 -19.09
CA LYS B 271 15.33 -29.30 -19.22
C LYS B 271 15.23 -27.93 -18.59
N THR B 272 14.05 -27.28 -18.71
CA THR B 272 13.87 -25.96 -18.13
C THR B 272 13.78 -26.02 -16.62
N THR B 273 12.91 -26.89 -16.04
CA THR B 273 12.77 -26.96 -14.58
CA THR B 273 12.79 -26.95 -14.58
C THR B 273 14.11 -27.36 -13.92
N ARG B 274 14.90 -28.23 -14.59
CA ARG B 274 16.21 -28.65 -14.06
C ARG B 274 17.17 -27.45 -14.06
N LYS B 275 17.26 -26.74 -15.19
CA LYS B 275 18.11 -25.55 -15.28
C LYS B 275 17.67 -24.45 -14.30
N ILE B 276 16.35 -24.21 -14.13
CA ILE B 276 15.87 -23.16 -13.24
C ILE B 276 16.18 -23.55 -11.77
N ALA B 277 16.12 -24.84 -11.42
CA ALA B 277 16.49 -25.29 -10.06
C ALA B 277 17.98 -24.98 -9.82
N GLU B 278 18.84 -25.20 -10.84
CA GLU B 278 20.28 -24.90 -10.74
C GLU B 278 20.47 -23.39 -10.42
N LEU B 279 19.77 -22.52 -11.17
CA LEU B 279 19.81 -21.05 -11.00
C LEU B 279 19.25 -20.60 -9.67
N ILE B 280 18.07 -21.10 -9.27
CA ILE B 280 17.46 -20.75 -7.98
C ILE B 280 18.36 -21.15 -6.81
N TYR B 281 18.83 -22.39 -6.80
CA TYR B 281 19.68 -22.84 -5.69
C TYR B 281 21.05 -22.17 -5.70
N LYS B 282 21.62 -21.84 -6.88
CA LYS B 282 22.89 -21.12 -6.91
C LYS B 282 22.68 -19.75 -6.21
N GLU B 283 21.53 -19.08 -6.50
CA GLU B 283 21.22 -17.78 -5.90
C GLU B 283 20.97 -17.94 -4.38
N PHE B 284 20.14 -18.91 -4.00
CA PHE B 284 19.80 -19.17 -2.61
C PHE B 284 21.03 -19.51 -1.78
N PHE B 285 21.89 -20.39 -2.31
CA PHE B 285 23.10 -20.83 -1.60
C PHE B 285 24.10 -19.69 -1.41
N SER B 286 24.20 -18.73 -2.37
CA SER B 286 25.09 -17.57 -2.18
C SER B 286 24.54 -16.71 -1.03
N GLN B 287 23.18 -16.58 -0.91
CA GLN B 287 22.61 -15.84 0.24
C GLN B 287 22.95 -16.60 1.56
N GLY B 288 22.80 -17.92 1.56
CA GLY B 288 23.14 -18.74 2.72
C GLY B 288 24.59 -18.55 3.15
N ASP B 289 25.53 -18.55 2.17
CA ASP B 289 26.97 -18.34 2.46
C ASP B 289 27.21 -16.94 3.03
N LEU B 290 26.49 -15.95 2.48
CA LEU B 290 26.60 -14.55 2.91
C LEU B 290 26.08 -14.40 4.36
N GLU B 291 25.00 -15.12 4.70
CA GLU B 291 24.45 -15.10 6.06
C GLU B 291 25.46 -15.73 7.02
N LYS B 292 26.15 -16.81 6.58
CA LYS B 292 27.20 -17.46 7.40
C LYS B 292 28.35 -16.49 7.59
N ALA B 293 28.77 -15.78 6.52
CA ALA B 293 29.83 -14.77 6.57
C ALA B 293 29.48 -13.61 7.53
N MET B 294 28.16 -13.36 7.75
CA MET B 294 27.68 -12.34 8.68
C MET B 294 27.50 -12.94 10.11
N GLY B 295 27.87 -14.20 10.29
CA GLY B 295 27.74 -14.88 11.58
C GLY B 295 26.37 -15.41 11.91
N ASN B 296 25.44 -15.39 10.92
CA ASN B 296 24.06 -15.87 11.08
C ASN B 296 23.87 -17.28 10.52
N ARG B 297 22.81 -17.98 10.98
CA ARG B 297 22.49 -19.33 10.53
C ARG B 297 21.35 -19.23 9.49
N PRO B 298 21.62 -19.60 8.22
CA PRO B 298 20.56 -19.47 7.20
C PRO B 298 19.44 -20.50 7.28
N MET B 299 18.37 -20.28 6.48
CA MET B 299 17.23 -21.20 6.34
C MET B 299 17.85 -22.50 5.81
N GLU B 300 17.25 -23.66 6.12
CA GLU B 300 17.77 -24.95 5.65
C GLU B 300 17.93 -24.97 4.11
N MET B 301 16.89 -24.50 3.39
CA MET B 301 16.83 -24.44 1.93
C MET B 301 17.88 -23.51 1.31
N MET B 302 18.47 -22.62 2.10
CA MET B 302 19.49 -21.69 1.61
C MET B 302 20.89 -22.07 2.04
N ASP B 303 21.01 -23.17 2.80
CA ASP B 303 22.31 -23.64 3.27
C ASP B 303 22.72 -24.83 2.42
N ARG B 304 23.80 -24.66 1.62
CA ARG B 304 24.32 -25.68 0.70
C ARG B 304 24.80 -26.95 1.40
N GLU B 305 24.98 -26.90 2.72
CA GLU B 305 25.41 -28.05 3.52
C GLU B 305 24.22 -28.86 4.06
N LYS B 306 23.01 -28.27 4.09
CA LYS B 306 21.77 -28.88 4.62
C LYS B 306 20.69 -29.20 3.57
N ALA B 307 20.54 -28.32 2.57
CA ALA B 307 19.53 -28.44 1.51
C ALA B 307 19.62 -29.70 0.63
N TYR B 308 18.52 -30.44 0.52
CA TYR B 308 18.43 -31.61 -0.35
C TYR B 308 17.43 -31.18 -1.42
N ILE B 309 17.97 -30.66 -2.55
CA ILE B 309 17.27 -30.08 -3.70
C ILE B 309 16.07 -30.91 -4.18
N PRO B 310 16.15 -32.25 -4.47
CA PRO B 310 14.94 -32.93 -4.95
C PRO B 310 13.76 -32.80 -4.01
N GLU B 311 13.98 -32.98 -2.69
CA GLU B 311 12.90 -32.89 -1.70
C GLU B 311 12.37 -31.46 -1.61
N LEU B 312 13.28 -30.48 -1.68
CA LEU B 312 12.88 -29.07 -1.64
C LEU B 312 12.04 -28.70 -2.87
N GLN B 313 12.49 -29.14 -4.05
CA GLN B 313 11.78 -28.91 -5.30
C GLN B 313 10.41 -29.60 -5.30
N ILE B 314 10.32 -30.87 -4.85
CA ILE B 314 9.03 -31.59 -4.77
C ILE B 314 8.07 -30.84 -3.85
N SER B 315 8.53 -30.40 -2.66
CA SER B 315 7.72 -29.65 -1.70
C SER B 315 7.23 -28.33 -2.33
N PHE B 316 8.12 -27.60 -3.04
CA PHE B 316 7.76 -26.34 -3.71
C PHE B 316 6.68 -26.61 -4.77
N MET B 317 6.87 -27.67 -5.56
CA MET B 317 5.92 -28.01 -6.61
C MET B 317 4.57 -28.42 -6.05
N GLU B 318 4.57 -29.27 -5.02
CA GLU B 318 3.32 -29.75 -4.42
C GLU B 318 2.55 -28.71 -3.61
N HIS B 319 3.25 -27.92 -2.77
CA HIS B 319 2.59 -26.96 -1.88
C HIS B 319 2.46 -25.55 -2.44
N ILE B 320 3.26 -25.18 -3.46
CA ILE B 320 3.18 -23.84 -4.00
C ILE B 320 2.76 -23.81 -5.48
N ALA B 321 3.55 -24.38 -6.40
CA ALA B 321 3.22 -24.29 -7.84
C ALA B 321 1.95 -25.05 -8.30
N MET B 322 1.84 -26.35 -8.00
CA MET B 322 0.67 -27.15 -8.43
C MET B 322 -0.66 -26.55 -7.98
N PRO B 323 -0.83 -26.07 -6.71
CA PRO B 323 -2.12 -25.47 -6.34
C PRO B 323 -2.47 -24.24 -7.16
N ILE B 324 -1.45 -23.45 -7.62
CA ILE B 324 -1.68 -22.28 -8.47
C ILE B 324 -2.21 -22.71 -9.84
N TYR B 325 -1.58 -23.72 -10.46
CA TYR B 325 -2.01 -24.18 -11.78
C TYR B 325 -3.29 -24.97 -11.72
N LYS B 326 -3.55 -25.61 -10.57
CA LYS B 326 -4.80 -26.36 -10.34
C LYS B 326 -5.94 -25.34 -10.31
N LEU B 327 -5.75 -24.21 -9.58
CA LEU B 327 -6.76 -23.12 -9.54
C LEU B 327 -6.96 -22.54 -10.95
N LEU B 328 -5.85 -22.33 -11.70
CA LEU B 328 -5.91 -21.80 -13.06
C LEU B 328 -6.73 -22.74 -13.98
N GLN B 329 -6.52 -24.06 -13.86
CA GLN B 329 -7.24 -25.07 -14.63
C GLN B 329 -8.74 -25.04 -14.22
N ASP B 330 -9.03 -24.90 -12.92
CA ASP B 330 -10.41 -24.84 -12.42
C ASP B 330 -11.16 -23.66 -13.04
N LEU B 331 -10.47 -22.52 -13.22
CA LEU B 331 -11.05 -21.33 -13.82
C LEU B 331 -11.05 -21.34 -15.35
N PHE B 332 -10.03 -21.96 -15.98
CA PHE B 332 -9.90 -22.00 -17.44
C PHE B 332 -9.55 -23.41 -17.87
N PRO B 333 -10.50 -24.23 -18.37
CA PRO B 333 -10.16 -25.60 -18.81
C PRO B 333 -9.00 -25.67 -19.82
N LYS B 334 -8.80 -24.61 -20.63
CA LYS B 334 -7.70 -24.59 -21.61
C LYS B 334 -6.32 -24.53 -20.92
N ALA B 335 -6.29 -24.30 -19.57
CA ALA B 335 -5.08 -24.26 -18.76
C ALA B 335 -4.74 -25.65 -18.20
N ALA B 336 -5.55 -26.69 -18.53
CA ALA B 336 -5.30 -28.07 -18.06
C ALA B 336 -3.88 -28.53 -18.43
N GLU B 337 -3.41 -28.27 -19.67
CA GLU B 337 -2.06 -28.68 -20.11
C GLU B 337 -0.93 -28.12 -19.22
N LEU B 338 -1.12 -26.91 -18.67
CA LEU B 338 -0.15 -26.28 -17.77
C LEU B 338 -0.03 -27.04 -16.48
N TYR B 339 -1.19 -27.34 -15.84
CA TYR B 339 -1.21 -28.11 -14.61
C TYR B 339 -0.54 -29.48 -14.88
N GLU B 340 -0.88 -30.10 -16.03
CA GLU B 340 -0.33 -31.40 -16.41
C GLU B 340 1.20 -31.41 -16.53
N ARG B 341 1.78 -30.34 -17.13
CA ARG B 341 3.25 -30.19 -17.26
C ARG B 341 3.89 -30.03 -15.89
N VAL B 342 3.30 -29.20 -15.02
CA VAL B 342 3.82 -28.99 -13.66
C VAL B 342 3.81 -30.33 -12.90
N ALA B 343 2.69 -31.08 -12.96
CA ALA B 343 2.60 -32.41 -12.30
C ALA B 343 3.64 -33.41 -12.87
N SER B 344 3.86 -33.40 -14.19
CA SER B 344 4.85 -34.23 -14.89
C SER B 344 6.26 -33.88 -14.41
N ASN B 345 6.59 -32.58 -14.30
CA ASN B 345 7.91 -32.19 -13.82
C ASN B 345 8.15 -32.63 -12.37
N ARG B 346 7.08 -32.60 -11.55
CA ARG B 346 7.14 -33.05 -10.15
C ARG B 346 7.49 -34.56 -10.10
N GLU B 347 6.82 -35.38 -10.95
CA GLU B 347 7.07 -36.84 -11.03
C GLU B 347 8.53 -37.07 -11.46
N HIS B 348 9.03 -36.21 -12.38
CA HIS B 348 10.41 -36.24 -12.86
C HIS B 348 11.40 -35.97 -11.70
N TRP B 349 11.06 -35.02 -10.80
CA TRP B 349 11.89 -34.74 -9.62
C TRP B 349 11.85 -35.94 -8.67
N THR B 350 10.66 -36.60 -8.54
CA THR B 350 10.56 -37.82 -7.72
C THR B 350 11.53 -38.89 -8.29
N LYS B 351 11.58 -39.04 -9.62
CA LYS B 351 12.48 -40.00 -10.29
C LYS B 351 13.95 -39.67 -10.00
N VAL B 352 14.31 -38.37 -10.03
CA VAL B 352 15.64 -37.82 -9.75
C VAL B 352 16.04 -38.08 -8.30
N SER B 353 15.08 -38.00 -7.35
CA SER B 353 15.35 -38.22 -5.92
C SER B 353 15.87 -39.66 -5.60
N HIS B 354 15.74 -40.61 -6.55
CA HIS B 354 16.18 -42.00 -6.40
C HIS B 354 17.54 -42.23 -7.09
N LYS B 355 18.17 -41.14 -7.56
CA LYS B 355 19.49 -41.13 -8.24
C LYS B 355 20.18 -39.75 -8.06
N PHE B 356 20.09 -39.20 -6.84
CA PHE B 356 20.65 -37.90 -6.42
C PHE B 356 21.10 -38.07 -4.95
N THR B 357 22.39 -38.32 -4.74
CA THR B 357 22.90 -38.59 -3.40
C THR B 357 23.79 -37.53 -2.81
N ILE B 358 23.43 -36.24 -2.97
CA ILE B 358 24.20 -35.12 -2.44
C ILE B 358 23.32 -34.03 -1.83
N ARG B 359 23.94 -33.22 -0.94
CA ARG B 359 23.33 -32.07 -0.31
C ARG B 359 23.85 -30.85 -1.08
N GLY B 360 22.98 -29.86 -1.29
CA GLY B 360 23.33 -28.67 -2.05
C GLY B 360 23.51 -29.01 -3.51
N LEU B 361 24.39 -28.27 -4.20
CA LEU B 361 24.68 -28.50 -5.61
C LEU B 361 26.01 -29.23 -5.78
N PRO B 362 26.25 -29.92 -6.93
CA PRO B 362 27.56 -30.54 -7.16
C PRO B 362 28.65 -29.47 -7.19
N SER B 363 29.92 -29.87 -6.98
CA SER B 363 31.08 -28.98 -6.96
C SER B 363 31.20 -28.03 -8.16
N ASN B 364 30.74 -28.49 -9.33
CA ASN B 364 30.77 -27.71 -10.57
C ASN B 364 29.51 -26.80 -10.76
N ASN B 365 28.56 -26.81 -9.79
CA ASN B 365 27.32 -26.03 -9.78
C ASN B 365 26.37 -26.38 -10.92
N SER B 366 26.46 -27.60 -11.46
CA SER B 366 25.61 -28.03 -12.57
C SER B 366 24.80 -29.27 -12.25
N LEU B 367 23.55 -29.32 -12.73
CA LEU B 367 22.65 -30.46 -12.55
C LEU B 367 22.62 -31.33 -13.81
N ASP B 368 23.58 -31.10 -14.75
CA ASP B 368 23.73 -31.86 -16.00
C ASP B 368 24.17 -33.32 -15.75
N PHE B 369 24.57 -33.66 -14.51
CA PHE B 369 25.00 -35.00 -14.10
C PHE B 369 23.84 -36.02 -14.10
N LEU B 370 22.62 -35.58 -14.45
CA LEU B 370 21.41 -36.39 -14.50
C LEU B 370 21.01 -36.68 -15.95
#